data_8QVT
#
_entry.id   8QVT
#
_cell.length_a   45.340
_cell.length_b   132.400
_cell.length_c   185.330
_cell.angle_alpha   90.00
_cell.angle_beta   90.00
_cell.angle_gamma   90.00
#
_symmetry.space_group_name_H-M   'P 21 21 21'
#
loop_
_entity.id
_entity.type
_entity.pdbx_description
1 polymer 'cytokinin dehydrogenase'
2 non-polymer 'FLAVIN-ADENINE DINUCLEOTIDE'
3 non-polymer 1,2-ETHANEDIOL
4 non-polymer GLYCEROL
5 water water
#
_entity_poly.entity_id   1
_entity_poly.type   'polypeptide(L)'
_entity_poly.pdbx_seq_one_letter_code
;TPSTLAASSAIIHDIIRGLADTTAARVRTDAEATARASTDFGTNATADDAARPAAVFYPSCAADIAALLRASSASASPFP
VSARGRGHSTRGQATAPGGVVVDMASLAVAAGRDETATTNASSTSASARLAVSVDGRYIDAGGEQLWVDVLHAALAHGLT
PRSWTDYLRLTVGGTLSNAGISGQAFRHGPQISNVLELDVVTGTGDMVTCSKEKDADLFDAVLGGLGQFGIITRARIPLA
PAPARARWLRLLYTGAADLTADQERLIADDERRGGALAGLMDYVEGSVVTDLQQGLIGSWRSQPPPSSSSFYSATDAARI
AALAEEAGGVLYFLEGAVYYGGASDTTAADVDKRVDVMLRELRYARGFAYVQDVSYEQFLDRVSAGERRLRGEGLWDVPH
PWLNLFLPRSRILDFAAGVFHGVLLPTRTAGGGGGGPVLVYPMNRGKWDGATSAVLPYDDGDGDGDEVFYTVGILRSAVA
DGDLRRMEEQNAEVARFCEAAGIPCTQYLPSYATQADWAARHFGPAGSGRWDTFLRRKRKYDPMAILSRGQRIFSSPLLA
S
;
_entity_poly.pdbx_strand_id   A,B
#
loop_
_chem_comp.id
_chem_comp.type
_chem_comp.name
_chem_comp.formula
EDO non-polymer 1,2-ETHANEDIOL 'C2 H6 O2'
FAD non-polymer 'FLAVIN-ADENINE DINUCLEOTIDE' 'C27 H33 N9 O15 P2'
GOL non-polymer GLYCEROL 'C3 H8 O3'
#
# COMPACT_ATOMS: atom_id res chain seq x y z
N THR A 1 13.70 -5.77 25.30
CA THR A 1 15.11 -6.14 25.28
C THR A 1 16.01 -5.17 24.46
N PRO A 2 15.65 -4.71 23.21
CA PRO A 2 16.58 -3.82 22.49
C PRO A 2 16.70 -2.42 23.09
N SER A 3 17.90 -1.82 22.98
CA SER A 3 18.19 -0.48 23.48
C SER A 3 17.33 0.57 22.79
N THR A 4 16.94 1.60 23.55
CA THR A 4 16.10 2.71 23.10
C THR A 4 16.95 3.77 22.38
N LEU A 5 18.30 3.68 22.51
CA LEU A 5 19.25 4.58 21.88
C LEU A 5 19.00 4.69 20.36
N ALA A 6 19.00 5.92 19.85
CA ALA A 6 18.74 6.24 18.44
C ALA A 6 19.57 5.36 17.50
N ALA A 7 18.94 4.81 16.45
CA ALA A 7 19.65 4.01 15.46
C ALA A 7 20.76 4.87 14.82
N SER A 8 21.95 4.32 14.67
CA SER A 8 23.09 5.02 14.07
C SER A 8 22.96 5.09 12.56
N SER A 9 23.79 5.93 11.92
CA SER A 9 23.86 5.98 10.45
C SER A 9 24.27 4.58 9.93
N ALA A 10 25.14 3.84 10.67
CA ALA A 10 25.58 2.48 10.24
C ALA A 10 24.38 1.51 10.08
N ILE A 11 23.50 1.42 11.09
CA ILE A 11 22.29 0.57 11.05
C ILE A 11 21.32 1.06 9.95
N ILE A 12 21.12 2.38 9.86
CA ILE A 12 20.24 2.97 8.85
C ILE A 12 20.73 2.65 7.44
N HIS A 13 22.04 2.89 7.18
CA HIS A 13 22.62 2.66 5.86
C HIS A 13 22.46 1.19 5.47
N ASP A 14 22.64 0.26 6.41
CA ASP A 14 22.49 -1.17 6.10
C ASP A 14 21.05 -1.49 5.69
N ILE A 15 20.07 -0.94 6.40
CA ILE A 15 18.67 -1.15 6.05
C ILE A 15 18.33 -0.54 4.70
N ILE A 16 18.72 0.71 4.48
CA ILE A 16 18.32 1.37 3.24
C ILE A 16 19.13 0.86 2.03
N ARG A 17 20.36 0.36 2.22
CA ARG A 17 21.12 -0.23 1.11
C ARG A 17 20.42 -1.53 0.67
N GLY A 18 19.81 -2.23 1.62
CA GLY A 18 18.97 -3.41 1.38
C GLY A 18 17.81 -3.01 0.52
N LEU A 19 17.18 -1.85 0.83
CA LEU A 19 16.05 -1.34 0.04
C LEU A 19 16.50 -0.95 -1.36
N ALA A 20 17.68 -0.29 -1.51
CA ALA A 20 18.20 0.11 -2.81
C ALA A 20 18.44 -1.15 -3.68
N ASP A 21 18.87 -2.25 -3.03
CA ASP A 21 19.12 -3.54 -3.67
C ASP A 21 17.83 -4.26 -4.11
N THR A 22 16.72 -4.12 -3.34
CA THR A 22 15.48 -4.87 -3.60
C THR A 22 14.38 -4.05 -4.29
N THR A 23 14.63 -2.76 -4.55
CA THR A 23 13.67 -1.90 -5.23
C THR A 23 14.44 -1.05 -6.26
N ALA A 24 13.71 -0.26 -7.05
CA ALA A 24 14.34 0.64 -8.02
C ALA A 24 14.65 2.01 -7.36
N ALA A 25 14.45 2.13 -6.02
CA ALA A 25 14.74 3.37 -5.30
C ALA A 25 16.26 3.59 -5.23
N ARG A 26 16.68 4.84 -5.19
CA ARG A 26 18.10 5.19 -5.07
C ARG A 26 18.35 5.82 -3.69
N VAL A 27 19.58 5.69 -3.20
CA VAL A 27 19.96 6.25 -1.89
C VAL A 27 21.22 7.11 -2.07
N ARG A 28 21.27 8.30 -1.41
CA ARG A 28 22.47 9.12 -1.38
C ARG A 28 22.82 9.38 0.09
N THR A 29 24.09 9.14 0.46
CA THR A 29 24.57 9.40 1.83
C THR A 29 25.64 10.48 1.82
N ASP A 30 25.94 11.04 0.63
CA ASP A 30 26.98 12.06 0.50
C ASP A 30 26.58 13.37 1.13
N ALA A 31 27.60 14.15 1.53
CA ALA A 31 27.42 15.46 2.18
C ALA A 31 26.57 16.44 1.38
N GLU A 32 26.68 16.45 0.03
CA GLU A 32 25.89 17.40 -0.78
C GLU A 32 24.37 17.12 -0.63
N ALA A 33 24.00 15.84 -0.75
CA ALA A 33 22.56 15.45 -0.66
C ALA A 33 22.02 15.68 0.74
N THR A 34 22.78 15.27 1.75
CA THR A 34 22.31 15.43 3.14
C THR A 34 22.33 16.89 3.59
N ALA A 35 23.27 17.72 3.09
CA ALA A 35 23.28 19.16 3.42
C ALA A 35 21.99 19.79 2.86
N ARG A 36 21.66 19.49 1.58
CA ARG A 36 20.43 20.07 1.00
C ARG A 36 19.17 19.65 1.81
N ALA A 37 19.10 18.37 2.19
CA ALA A 37 17.96 17.81 2.93
C ALA A 37 17.90 18.26 4.41
N SER A 38 18.91 19.00 4.88
CA SER A 38 18.99 19.48 6.26
C SER A 38 18.44 20.91 6.40
N THR A 39 18.24 21.58 5.26
CA THR A 39 17.80 22.96 5.28
C THR A 39 16.40 23.13 4.71
N ASP A 40 15.85 24.32 4.92
CA ASP A 40 14.56 24.68 4.34
C ASP A 40 14.54 26.16 4.11
N PHE A 41 13.36 26.70 3.76
CA PHE A 41 13.18 28.12 3.43
C PHE A 41 13.44 29.05 4.62
N GLY A 42 13.44 28.51 5.85
CA GLY A 42 13.72 29.30 7.03
C GLY A 42 15.14 29.83 7.12
N THR A 43 16.12 29.13 6.49
CA THR A 43 17.54 29.51 6.53
C THR A 43 18.16 29.56 5.14
N ASN A 44 19.32 30.24 5.02
CA ASN A 44 20.02 30.27 3.74
C ASN A 44 21.43 29.60 3.83
N ALA A 45 21.74 28.95 4.98
CA ALA A 45 23.01 28.24 5.17
C ALA A 45 23.08 27.05 4.20
N THR A 46 24.31 26.65 3.84
CA THR A 46 24.57 25.51 2.95
C THR A 46 24.08 24.22 3.63
N ALA A 47 24.21 24.15 4.95
CA ALA A 47 23.78 23.00 5.74
C ALA A 47 23.39 23.43 7.14
N ASP A 48 22.46 22.69 7.72
CA ASP A 48 22.11 22.84 9.12
C ASP A 48 22.63 21.51 9.69
N ASP A 49 23.84 21.57 10.24
CA ASP A 49 24.54 20.40 10.76
C ASP A 49 23.70 19.59 11.74
N ALA A 50 22.95 20.26 12.66
CA ALA A 50 22.12 19.52 13.63
C ALA A 50 20.99 18.71 12.95
N ALA A 51 20.45 19.24 11.85
CA ALA A 51 19.31 18.66 11.15
C ALA A 51 19.68 17.66 10.06
N ARG A 52 20.99 17.43 9.89
CA ARG A 52 21.45 16.54 8.83
C ARG A 52 20.90 15.12 8.95
N PRO A 53 20.27 14.60 7.87
CA PRO A 53 19.82 13.19 7.91
C PRO A 53 21.00 12.26 7.62
N ALA A 54 20.84 10.98 7.96
CA ALA A 54 21.82 9.94 7.63
C ALA A 54 21.83 9.69 6.11
N ALA A 55 20.69 9.90 5.42
CA ALA A 55 20.60 9.64 3.98
C ALA A 55 19.40 10.32 3.36
N VAL A 56 19.41 10.38 2.03
CA VAL A 56 18.27 10.85 1.25
C VAL A 56 17.82 9.65 0.40
N PHE A 57 16.51 9.38 0.42
CA PHE A 57 15.90 8.26 -0.31
C PHE A 57 15.13 8.83 -1.50
N TYR A 58 15.39 8.29 -2.70
CA TYR A 58 14.81 8.71 -3.98
C TYR A 58 13.91 7.60 -4.49
N PRO A 59 12.62 7.59 -4.05
CA PRO A 59 11.73 6.50 -4.44
C PRO A 59 11.38 6.52 -5.90
N SER A 60 11.24 5.34 -6.50
CA SER A 60 10.79 5.22 -7.89
C SER A 60 9.26 5.02 -7.91
N CYS A 61 8.70 4.45 -6.82
CA CYS A 61 7.31 3.99 -6.68
C CYS A 61 6.86 4.30 -5.24
N ALA A 62 5.54 4.50 -5.02
CA ALA A 62 5.00 4.65 -3.66
C ALA A 62 5.34 3.38 -2.82
N ALA A 63 5.41 2.17 -3.45
CA ALA A 63 5.77 0.95 -2.72
C ALA A 63 7.17 1.01 -2.11
N ASP A 64 8.10 1.78 -2.71
CA ASP A 64 9.47 1.92 -2.15
C ASP A 64 9.35 2.69 -0.81
N ILE A 65 8.46 3.71 -0.77
CA ILE A 65 8.27 4.49 0.45
C ILE A 65 7.66 3.57 1.52
N ALA A 66 6.67 2.74 1.15
CA ALA A 66 6.05 1.75 2.04
C ALA A 66 7.11 0.81 2.62
N ALA A 67 8.07 0.34 1.77
CA ALA A 67 9.12 -0.58 2.22
C ALA A 67 10.02 0.12 3.24
N LEU A 68 10.34 1.40 3.00
CA LEU A 68 11.16 2.20 3.90
C LEU A 68 10.51 2.38 5.28
N LEU A 69 9.23 2.79 5.30
CA LEU A 69 8.48 3.04 6.54
C LEU A 69 8.31 1.75 7.35
N ARG A 70 7.98 0.64 6.66
CA ARG A 70 7.85 -0.67 7.30
CA ARG A 70 7.86 -0.66 7.32
C ARG A 70 9.22 -1.06 7.90
N ALA A 71 10.30 -0.97 7.10
CA ALA A 71 11.65 -1.34 7.55
C ALA A 71 12.07 -0.56 8.79
N SER A 72 11.77 0.76 8.83
CA SER A 72 12.11 1.54 10.00
C SER A 72 11.21 1.15 11.19
N SER A 73 9.88 1.17 11.02
CA SER A 73 8.96 0.84 12.12
C SER A 73 9.17 -0.54 12.73
N ALA A 74 9.55 -1.54 11.92
CA ALA A 74 9.74 -2.92 12.39
C ALA A 74 11.14 -3.19 12.93
N SER A 75 12.08 -2.24 12.78
CA SER A 75 13.45 -2.44 13.25
C SER A 75 13.60 -2.27 14.77
N ALA A 76 14.73 -2.71 15.35
CA ALA A 76 15.00 -2.65 16.79
C ALA A 76 14.95 -1.23 17.35
N SER A 77 15.45 -0.23 16.59
CA SER A 77 15.39 1.17 17.02
C SER A 77 14.90 2.02 15.81
N PRO A 78 13.56 2.13 15.64
CA PRO A 78 13.01 2.87 14.49
C PRO A 78 13.65 4.22 14.25
N PHE A 79 14.01 4.49 12.99
CA PHE A 79 14.70 5.72 12.62
C PHE A 79 13.72 6.75 12.01
N PRO A 80 14.01 8.06 12.17
CA PRO A 80 13.10 9.08 11.62
C PRO A 80 13.07 9.04 10.09
N VAL A 81 11.88 9.23 9.53
CA VAL A 81 11.66 9.30 8.08
C VAL A 81 10.80 10.51 7.84
N SER A 82 11.21 11.39 6.93
CA SER A 82 10.38 12.56 6.61
C SER A 82 10.27 12.81 5.12
N ALA A 83 9.04 13.04 4.64
CA ALA A 83 8.85 13.42 3.25
C ALA A 83 9.31 14.88 3.09
N ARG A 84 9.99 15.17 1.97
CA ARG A 84 10.34 16.56 1.68
C ARG A 84 9.65 16.91 0.35
N GLY A 85 8.86 17.97 0.37
CA GLY A 85 8.19 18.49 -0.83
C GLY A 85 9.19 19.43 -1.45
N ARG A 86 8.99 20.73 -1.25
CA ARG A 86 9.97 21.71 -1.76
C ARG A 86 10.79 22.32 -0.61
N GLY A 87 10.52 21.88 0.62
CA GLY A 87 11.20 22.43 1.79
C GLY A 87 10.84 23.89 2.00
N HIS A 88 9.58 24.28 1.69
CA HIS A 88 9.12 25.65 1.91
C HIS A 88 8.81 25.92 3.40
N SER A 89 8.88 24.86 4.26
CA SER A 89 8.77 25.01 5.70
C SER A 89 9.86 25.99 6.18
N THR A 90 9.65 26.63 7.31
CA THR A 90 10.64 27.57 7.86
C THR A 90 11.18 27.16 9.24
N ARG A 91 10.64 26.08 9.84
CA ARG A 91 11.05 25.65 11.19
CA ARG A 91 11.11 25.68 11.18
C ARG A 91 11.47 24.18 11.27
N GLY A 92 12.06 23.66 10.21
CA GLY A 92 12.56 22.29 10.17
C GLY A 92 11.54 21.18 10.06
N GLN A 93 10.28 21.51 9.71
CA GLN A 93 9.18 20.54 9.58
C GLN A 93 9.46 19.35 8.66
N ALA A 94 10.31 19.53 7.59
CA ALA A 94 10.55 18.47 6.64
C ALA A 94 11.92 17.80 6.87
N THR A 95 12.58 18.11 8.01
CA THR A 95 13.88 17.50 8.33
C THR A 95 13.74 16.12 8.98
N ALA A 96 14.77 15.27 8.86
CA ALA A 96 14.77 13.99 9.57
C ALA A 96 16.19 13.86 10.18
N PRO A 97 16.48 14.63 11.27
CA PRO A 97 17.82 14.61 11.86
C PRO A 97 18.24 13.19 12.25
N GLY A 98 19.39 12.76 11.72
CA GLY A 98 19.92 11.42 11.94
C GLY A 98 19.05 10.32 11.35
N GLY A 99 18.18 10.69 10.40
CA GLY A 99 17.26 9.73 9.78
C GLY A 99 17.30 9.75 8.26
N VAL A 100 16.15 9.53 7.64
CA VAL A 100 16.08 9.49 6.17
C VAL A 100 15.05 10.50 5.65
N VAL A 101 15.48 11.36 4.71
CA VAL A 101 14.58 12.30 4.05
C VAL A 101 14.15 11.64 2.73
N VAL A 102 12.85 11.66 2.46
CA VAL A 102 12.30 11.09 1.24
C VAL A 102 12.14 12.22 0.22
N ASP A 103 12.90 12.14 -0.87
CA ASP A 103 12.83 13.15 -1.94
C ASP A 103 11.60 12.85 -2.77
N MET A 104 10.45 13.47 -2.43
CA MET A 104 9.17 13.16 -3.10
C MET A 104 9.22 13.39 -4.61
N ALA A 105 9.99 14.40 -5.04
CA ALA A 105 10.13 14.75 -6.48
C ALA A 105 10.53 13.51 -7.32
N SER A 106 11.27 12.54 -6.71
CA SER A 106 11.72 11.34 -7.41
C SER A 106 10.58 10.49 -7.98
N LEU A 107 9.36 10.57 -7.39
CA LEU A 107 8.20 9.80 -7.87
C LEU A 107 7.81 10.23 -9.29
N ALA A 108 8.14 11.47 -9.68
CA ALA A 108 7.81 12.03 -10.99
C ALA A 108 8.74 11.53 -12.11
N VAL A 109 9.79 10.77 -11.75
CA VAL A 109 10.75 10.18 -12.71
C VAL A 109 10.42 8.70 -12.91
N THR A 124 9.47 19.00 -12.28
CA THR A 124 8.82 17.78 -11.79
C THR A 124 7.53 17.47 -12.56
N SER A 125 7.07 18.42 -13.43
CA SER A 125 5.85 18.29 -14.23
C SER A 125 5.90 17.06 -15.13
N ALA A 126 4.97 16.11 -14.90
CA ALA A 126 4.87 14.87 -15.65
C ALA A 126 3.40 14.49 -15.82
N SER A 127 2.98 14.26 -17.10
CA SER A 127 1.61 13.88 -17.50
C SER A 127 1.08 12.71 -16.66
N ALA A 128 1.93 11.67 -16.43
CA ALA A 128 1.60 10.49 -15.65
C ALA A 128 1.18 10.87 -14.21
N ARG A 129 1.79 11.96 -13.68
CA ARG A 129 1.55 12.45 -12.31
C ARG A 129 0.44 13.49 -12.23
N LEU A 130 -0.17 13.84 -13.38
CA LEU A 130 -1.18 14.90 -13.46
C LEU A 130 -2.29 14.50 -14.41
N ALA A 131 -3.00 13.40 -14.08
CA ALA A 131 -4.02 12.82 -14.95
C ALA A 131 -5.40 13.42 -14.74
N VAL A 132 -5.86 14.13 -15.77
CA VAL A 132 -7.17 14.77 -15.72
C VAL A 132 -8.28 13.85 -16.24
N SER A 133 -9.37 13.75 -15.48
CA SER A 133 -10.59 13.08 -15.90
C SER A 133 -11.58 14.19 -16.24
N VAL A 134 -11.83 14.40 -17.53
CA VAL A 134 -12.76 15.44 -18.02
C VAL A 134 -14.19 15.12 -17.56
N ASP A 135 -14.62 13.86 -17.73
CA ASP A 135 -15.96 13.40 -17.32
C ASP A 135 -16.16 13.45 -15.82
N GLY A 136 -15.15 13.01 -15.06
CA GLY A 136 -15.21 13.02 -13.61
C GLY A 136 -14.94 14.38 -12.98
N ARG A 137 -14.42 15.34 -13.78
CA ARG A 137 -14.07 16.68 -13.30
C ARG A 137 -13.12 16.61 -12.09
N TYR A 138 -12.04 15.85 -12.25
CA TYR A 138 -11.01 15.76 -11.23
C TYR A 138 -9.65 15.55 -11.87
N ILE A 139 -8.61 15.79 -11.08
CA ILE A 139 -7.23 15.53 -11.49
C ILE A 139 -6.59 14.65 -10.41
N ASP A 140 -5.94 13.57 -10.85
CA ASP A 140 -5.18 12.69 -9.98
C ASP A 140 -3.74 13.26 -10.01
N ALA A 141 -3.35 13.93 -8.94
CA ALA A 141 -2.05 14.57 -8.84
C ALA A 141 -1.11 13.85 -7.88
N GLY A 142 0.13 13.61 -8.32
CA GLY A 142 1.13 13.01 -7.43
C GLY A 142 1.36 13.95 -6.25
N GLY A 143 1.59 13.38 -5.08
CA GLY A 143 1.82 14.19 -3.87
C GLY A 143 3.00 15.14 -3.99
N GLU A 144 3.97 14.81 -4.87
CA GLU A 144 5.17 15.64 -5.08
C GLU A 144 4.89 16.78 -6.05
N GLN A 145 3.80 16.69 -6.83
CA GLN A 145 3.53 17.68 -7.88
C GLN A 145 3.34 19.10 -7.35
N LEU A 146 3.80 20.10 -8.11
CA LEU A 146 3.60 21.48 -7.72
C LEU A 146 2.22 21.97 -8.16
N TRP A 147 1.60 22.84 -7.34
CA TRP A 147 0.30 23.40 -7.69
C TRP A 147 0.31 24.15 -9.04
N VAL A 148 1.43 24.80 -9.40
CA VAL A 148 1.51 25.48 -10.71
C VAL A 148 1.30 24.46 -11.87
N ASP A 149 1.89 23.25 -11.73
CA ASP A 149 1.76 22.19 -12.73
C ASP A 149 0.37 21.58 -12.72
N VAL A 150 -0.26 21.48 -11.53
CA VAL A 150 -1.65 21.03 -11.43
C VAL A 150 -2.55 22.01 -12.20
N LEU A 151 -2.30 23.31 -12.00
CA LEU A 151 -3.05 24.36 -12.70
C LEU A 151 -2.97 24.21 -14.23
N HIS A 152 -1.75 24.14 -14.78
CA HIS A 152 -1.55 24.04 -16.23
C HIS A 152 -2.17 22.77 -16.81
N ALA A 153 -2.05 21.64 -16.10
CA ALA A 153 -2.64 20.38 -16.54
C ALA A 153 -4.17 20.49 -16.62
N ALA A 154 -4.82 21.16 -15.65
CA ALA A 154 -6.27 21.32 -15.62
C ALA A 154 -6.71 22.31 -16.70
N LEU A 155 -5.98 23.46 -16.83
CA LEU A 155 -6.33 24.49 -17.84
C LEU A 155 -6.30 23.96 -19.27
N ALA A 156 -5.45 22.96 -19.54
CA ALA A 156 -5.37 22.33 -20.88
C ALA A 156 -6.72 21.69 -21.29
N HIS A 157 -7.59 21.41 -20.30
CA HIS A 157 -8.92 20.83 -20.50
C HIS A 157 -10.04 21.81 -20.12
N GLY A 158 -9.71 23.09 -19.96
CA GLY A 158 -10.67 24.14 -19.60
C GLY A 158 -11.19 23.98 -18.19
N LEU A 159 -10.37 23.37 -17.30
CA LEU A 159 -10.78 23.12 -15.93
C LEU A 159 -9.80 23.72 -14.94
N THR A 160 -10.23 23.83 -13.68
CA THR A 160 -9.38 24.37 -12.63
C THR A 160 -9.69 23.87 -11.24
N PRO A 161 -8.67 23.68 -10.37
CA PRO A 161 -8.96 23.50 -8.94
C PRO A 161 -9.61 24.82 -8.43
N ARG A 162 -10.41 24.69 -7.37
CA ARG A 162 -11.19 25.81 -6.78
C ARG A 162 -10.46 26.55 -5.67
N SER A 163 -9.47 25.92 -5.04
CA SER A 163 -8.80 26.47 -3.87
C SER A 163 -7.28 26.42 -4.05
N TRP A 164 -6.61 27.52 -3.63
CA TRP A 164 -5.19 27.71 -3.90
C TRP A 164 -4.38 28.15 -2.69
N THR A 165 -3.08 28.28 -2.91
CA THR A 165 -2.11 28.96 -2.06
C THR A 165 -1.70 30.18 -2.92
N ASP A 166 -1.26 31.28 -2.28
CA ASP A 166 -0.79 32.45 -3.03
C ASP A 166 0.40 32.11 -3.91
N TYR A 167 1.28 31.24 -3.44
CA TYR A 167 2.51 30.83 -4.09
C TYR A 167 2.29 29.41 -4.61
N LEU A 168 2.45 29.24 -5.93
CA LEU A 168 2.09 27.99 -6.57
C LEU A 168 3.17 26.94 -6.62
N ARG A 169 4.42 27.32 -6.32
CA ARG A 169 5.54 26.37 -6.35
C ARG A 169 5.67 25.63 -5.01
N LEU A 170 4.56 25.04 -4.57
CA LEU A 170 4.47 24.24 -3.32
C LEU A 170 3.90 22.89 -3.74
N THR A 171 4.21 21.82 -2.98
CA THR A 171 3.70 20.51 -3.36
C THR A 171 2.28 20.27 -2.87
N VAL A 172 1.60 19.37 -3.58
CA VAL A 172 0.25 18.93 -3.21
C VAL A 172 0.28 18.31 -1.79
N GLY A 173 1.20 17.38 -1.53
CA GLY A 173 1.29 16.75 -0.22
C GLY A 173 1.64 17.72 0.91
N GLY A 174 2.51 18.69 0.59
CA GLY A 174 2.99 19.69 1.55
C GLY A 174 1.88 20.62 2.00
N THR A 175 1.10 21.17 1.05
CA THR A 175 0.01 22.08 1.46
C THR A 175 -1.11 21.32 2.11
N LEU A 176 -1.45 20.11 1.57
CA LEU A 176 -2.55 19.30 2.16
C LEU A 176 -2.23 18.83 3.59
N SER A 177 -0.95 18.80 3.96
CA SER A 177 -0.54 18.46 5.32
C SER A 177 -0.71 19.66 6.27
N ASN A 178 -1.04 20.84 5.72
CA ASN A 178 -1.22 22.05 6.53
C ASN A 178 -2.66 22.52 6.39
N ALA A 179 -2.99 23.09 5.23
CA ALA A 179 -4.38 23.49 4.88
C ALA A 179 -4.42 23.96 3.43
N GLY A 180 -3.52 24.90 3.09
CA GLY A 180 -3.46 25.47 1.76
C GLY A 180 -4.48 26.58 1.67
N ILE A 181 -4.06 27.81 2.03
CA ILE A 181 -4.94 28.98 2.06
C ILE A 181 -4.53 30.07 1.09
N SER A 182 -5.54 30.82 0.61
CA SER A 182 -5.39 31.97 -0.28
C SER A 182 -6.72 32.70 -0.24
N GLY A 183 -6.87 33.70 -1.10
CA GLY A 183 -8.07 34.53 -1.13
C GLY A 183 -9.34 33.86 -1.62
N GLN A 184 -9.29 32.60 -2.09
CA GLN A 184 -10.49 31.87 -2.54
C GLN A 184 -11.07 31.04 -1.39
N ALA A 185 -10.28 30.84 -0.30
CA ALA A 185 -10.68 29.96 0.79
C ALA A 185 -11.97 30.38 1.47
N PHE A 186 -12.30 31.67 1.47
CA PHE A 186 -13.54 32.11 2.13
C PHE A 186 -14.77 31.47 1.43
N ARG A 187 -14.63 31.19 0.12
CA ARG A 187 -15.72 30.68 -0.71
CA ARG A 187 -15.70 30.69 -0.74
C ARG A 187 -15.75 29.17 -0.84
N HIS A 188 -14.60 28.54 -1.16
CA HIS A 188 -14.54 27.11 -1.39
C HIS A 188 -13.82 26.34 -0.28
N GLY A 189 -13.35 27.06 0.73
CA GLY A 189 -12.56 26.48 1.80
C GLY A 189 -11.11 26.33 1.38
N PRO A 190 -10.24 25.94 2.34
CA PRO A 190 -8.81 25.71 2.02
C PRO A 190 -8.64 24.49 1.09
N GLN A 191 -7.40 24.25 0.65
CA GLN A 191 -7.17 23.10 -0.22
C GLN A 191 -7.58 21.76 0.40
N ILE A 192 -7.46 21.63 1.73
CA ILE A 192 -7.86 20.38 2.41
C ILE A 192 -9.37 20.12 2.32
N SER A 193 -10.20 21.18 2.01
CA SER A 193 -11.65 21.04 1.87
C SER A 193 -12.01 20.69 0.43
N ASN A 194 -10.99 20.51 -0.44
CA ASN A 194 -11.20 20.26 -1.86
C ASN A 194 -10.38 19.03 -2.33
N VAL A 195 -10.65 17.90 -1.67
CA VAL A 195 -10.00 16.63 -1.96
C VAL A 195 -11.04 15.52 -1.99
N LEU A 196 -11.04 14.73 -3.06
CA LEU A 196 -11.93 13.59 -3.20
C LEU A 196 -11.35 12.34 -2.50
N GLU A 197 -10.05 12.08 -2.70
CA GLU A 197 -9.39 10.94 -2.09
C GLU A 197 -7.91 11.11 -2.09
N LEU A 198 -7.24 10.31 -1.27
CA LEU A 198 -5.78 10.32 -1.16
C LEU A 198 -5.25 8.90 -1.20
N ASP A 199 -4.02 8.73 -1.72
CA ASP A 199 -3.24 7.50 -1.52
C ASP A 199 -2.26 7.90 -0.45
N VAL A 200 -2.26 7.17 0.67
CA VAL A 200 -1.39 7.49 1.80
C VAL A 200 -0.54 6.29 2.15
N VAL A 201 0.76 6.52 2.36
CA VAL A 201 1.66 5.46 2.85
C VAL A 201 1.77 5.76 4.36
N THR A 202 1.19 4.88 5.22
CA THR A 202 1.20 5.09 6.67
C THR A 202 2.62 4.90 7.27
N GLY A 203 2.83 5.40 8.50
CA GLY A 203 4.10 5.23 9.21
C GLY A 203 4.41 3.75 9.39
N THR A 204 3.35 2.90 9.46
CA THR A 204 3.50 1.44 9.59
C THR A 204 3.91 0.79 8.26
N GLY A 205 3.85 1.55 7.16
CA GLY A 205 4.27 1.05 5.86
C GLY A 205 3.19 0.45 4.98
N ASP A 206 1.92 0.71 5.29
CA ASP A 206 0.83 0.25 4.43
C ASP A 206 0.49 1.35 3.44
N MET A 207 -0.07 0.97 2.26
CA MET A 207 -0.52 1.98 1.31
C MET A 207 -2.04 1.89 1.33
N VAL A 208 -2.70 2.95 1.74
CA VAL A 208 -4.15 2.94 1.87
C VAL A 208 -4.78 4.07 1.03
N THR A 209 -5.78 3.75 0.19
CA THR A 209 -6.52 4.79 -0.54
C THR A 209 -7.65 5.16 0.40
N CYS A 210 -7.80 6.45 0.68
CA CYS A 210 -8.82 6.86 1.66
C CYS A 210 -9.59 8.08 1.20
N SER A 211 -10.81 8.23 1.74
CA SER A 211 -11.75 9.27 1.33
C SER A 211 -12.82 9.34 2.44
N LYS A 212 -13.87 10.16 2.24
CA LYS A 212 -14.96 10.19 3.22
C LYS A 212 -15.72 8.85 3.27
N GLU A 213 -15.63 8.06 2.18
CA GLU A 213 -16.33 6.78 2.02
C GLU A 213 -15.51 5.56 2.44
N LYS A 214 -14.17 5.67 2.50
CA LYS A 214 -13.31 4.54 2.87
C LYS A 214 -12.16 5.03 3.75
N ASP A 215 -11.96 4.39 4.94
CA ASP A 215 -10.89 4.78 5.87
C ASP A 215 -10.89 6.31 6.08
N ALA A 216 -12.12 6.87 6.35
CA ALA A 216 -12.30 8.30 6.58
C ALA A 216 -11.41 8.80 7.72
N ASP A 217 -11.16 7.96 8.74
CA ASP A 217 -10.30 8.35 9.85
C ASP A 217 -8.90 8.70 9.38
N LEU A 218 -8.31 7.90 8.46
CA LEU A 218 -6.98 8.19 7.94
C LEU A 218 -7.02 9.46 7.05
N PHE A 219 -8.01 9.52 6.16
CA PHE A 219 -8.25 10.66 5.26
C PHE A 219 -8.26 11.97 6.08
N ASP A 220 -9.17 12.06 7.07
CA ASP A 220 -9.29 13.23 7.93
C ASP A 220 -8.04 13.48 8.80
N ALA A 221 -7.36 12.42 9.26
CA ALA A 221 -6.13 12.57 10.04
C ALA A 221 -5.03 13.25 9.21
N VAL A 222 -4.83 12.76 7.98
CA VAL A 222 -3.78 13.25 7.09
C VAL A 222 -4.00 14.72 6.69
N LEU A 223 -5.25 15.10 6.41
CA LEU A 223 -5.60 16.48 6.00
C LEU A 223 -5.33 17.44 7.19
N GLY A 224 -4.36 18.31 7.00
CA GLY A 224 -3.90 19.23 8.04
C GLY A 224 -3.10 18.54 9.14
N GLY A 225 -2.72 17.27 8.88
CA GLY A 225 -2.05 16.38 9.83
C GLY A 225 -0.56 16.54 10.07
N LEU A 226 0.06 17.59 9.47
CA LEU A 226 1.49 17.92 9.68
C LEU A 226 2.43 16.72 9.41
N GLY A 227 2.04 15.86 8.44
CA GLY A 227 2.82 14.68 8.02
C GLY A 227 2.94 13.61 9.11
N GLN A 228 2.10 13.67 10.15
CA GLN A 228 2.24 12.74 11.29
C GLN A 228 1.69 11.32 11.09
N PHE A 229 0.88 11.11 10.07
CA PHE A 229 0.16 9.83 9.92
C PHE A 229 0.52 9.04 8.68
N GLY A 230 1.07 9.72 7.69
CA GLY A 230 1.43 9.04 6.47
C GLY A 230 1.82 10.02 5.38
N ILE A 231 2.43 9.47 4.33
CA ILE A 231 2.90 10.27 3.21
C ILE A 231 1.86 10.19 2.07
N ILE A 232 1.44 11.36 1.59
CA ILE A 232 0.48 11.47 0.48
C ILE A 232 1.25 11.25 -0.82
N THR A 233 0.91 10.20 -1.56
CA THR A 233 1.54 9.91 -2.86
C THR A 233 0.65 10.30 -4.02
N ARG A 234 -0.66 10.47 -3.75
CA ARG A 234 -1.63 10.94 -4.76
C ARG A 234 -2.76 11.67 -4.07
N ALA A 235 -3.25 12.74 -4.69
CA ALA A 235 -4.45 13.40 -4.19
C ALA A 235 -5.35 13.63 -5.40
N ARG A 236 -6.62 13.26 -5.27
CA ARG A 236 -7.62 13.45 -6.33
C ARG A 236 -8.31 14.77 -6.00
N ILE A 237 -8.08 15.76 -6.86
CA ILE A 237 -8.56 17.12 -6.65
C ILE A 237 -9.73 17.43 -7.58
N PRO A 238 -10.90 17.84 -7.05
CA PRO A 238 -12.05 18.16 -7.93
C PRO A 238 -11.76 19.45 -8.70
N LEU A 239 -12.37 19.56 -9.90
CA LEU A 239 -12.16 20.68 -10.81
C LEU A 239 -13.45 21.36 -11.18
N ALA A 240 -13.36 22.66 -11.40
CA ALA A 240 -14.49 23.49 -11.82
C ALA A 240 -14.21 23.98 -13.25
N PRO A 241 -15.24 24.43 -14.01
CA PRO A 241 -14.98 25.03 -15.34
C PRO A 241 -14.05 26.24 -15.17
N ALA A 242 -13.06 26.38 -16.03
CA ALA A 242 -12.09 27.46 -15.87
C ALA A 242 -12.48 28.79 -16.49
N PRO A 243 -12.30 29.91 -15.74
CA PRO A 243 -12.49 31.24 -16.38
C PRO A 243 -11.28 31.55 -17.28
N ALA A 244 -11.39 32.59 -18.12
CA ALA A 244 -10.29 32.98 -19.00
C ALA A 244 -9.45 34.11 -18.36
N ARG A 245 -10.12 35.09 -17.74
CA ARG A 245 -9.44 36.27 -17.24
C ARG A 245 -9.89 36.67 -15.84
N ALA A 246 -9.23 37.69 -15.30
CA ALA A 246 -9.55 38.20 -13.96
C ALA A 246 -9.35 39.69 -13.92
N ARG A 247 -10.32 40.38 -13.32
CA ARG A 247 -10.24 41.80 -13.09
C ARG A 247 -9.73 41.88 -11.64
N TRP A 248 -8.54 42.45 -11.48
CA TRP A 248 -7.77 42.46 -10.23
C TRP A 248 -7.71 43.86 -9.63
N LEU A 249 -8.25 44.01 -8.41
CA LEU A 249 -8.33 45.29 -7.69
C LEU A 249 -7.39 45.36 -6.51
N ARG A 250 -6.75 46.52 -6.33
CA ARG A 250 -5.90 46.83 -5.17
C ARG A 250 -6.36 48.20 -4.68
N LEU A 251 -6.98 48.22 -3.50
CA LEU A 251 -7.59 49.43 -2.94
C LEU A 251 -6.92 49.79 -1.63
N LEU A 252 -6.50 51.06 -1.51
CA LEU A 252 -5.84 51.54 -0.30
C LEU A 252 -6.86 51.92 0.73
N TYR A 253 -6.55 51.64 2.00
CA TYR A 253 -7.38 51.98 3.16
C TYR A 253 -6.50 52.68 4.19
N THR A 254 -7.07 53.62 4.93
CA THR A 254 -6.35 54.39 5.95
C THR A 254 -6.42 53.76 7.34
N GLY A 255 -7.24 52.73 7.51
CA GLY A 255 -7.36 52.07 8.80
C GLY A 255 -7.87 50.65 8.73
N ALA A 256 -7.60 49.89 9.81
CA ALA A 256 -7.97 48.48 9.93
C ALA A 256 -9.47 48.29 10.05
N ALA A 257 -10.17 49.25 10.69
CA ALA A 257 -11.63 49.15 10.88
C ALA A 257 -12.39 49.03 9.56
N ASP A 258 -12.19 49.97 8.62
CA ASP A 258 -12.88 49.95 7.33
C ASP A 258 -12.39 48.81 6.44
N LEU A 259 -11.07 48.49 6.50
CA LEU A 259 -10.53 47.39 5.71
C LEU A 259 -11.23 46.07 6.09
N THR A 260 -11.17 45.71 7.38
CA THR A 260 -11.74 44.47 7.88
C THR A 260 -13.27 44.42 7.70
N ALA A 261 -13.98 45.52 8.01
CA ALA A 261 -15.44 45.58 7.83
C ALA A 261 -15.81 45.30 6.35
N ASP A 262 -15.08 45.93 5.40
CA ASP A 262 -15.30 45.72 3.97
C ASP A 262 -14.92 44.30 3.51
N GLN A 263 -13.83 43.76 4.04
CA GLN A 263 -13.45 42.37 3.69
C GLN A 263 -14.57 41.42 4.07
N GLU A 264 -15.15 41.63 5.28
CA GLU A 264 -16.25 40.79 5.76
C GLU A 264 -17.49 40.90 4.89
N ARG A 265 -17.78 42.10 4.38
CA ARG A 265 -18.91 42.32 3.45
C ARG A 265 -18.66 41.51 2.16
N LEU A 266 -17.42 41.53 1.66
CA LEU A 266 -17.05 40.83 0.42
C LEU A 266 -17.05 39.31 0.55
N ILE A 267 -16.73 38.77 1.74
CA ILE A 267 -16.65 37.31 1.90
C ILE A 267 -17.99 36.70 2.39
N ALA A 268 -19.01 37.54 2.61
CA ALA A 268 -20.32 37.05 3.08
C ALA A 268 -20.89 35.96 2.16
N ASP A 269 -21.47 34.90 2.75
CA ASP A 269 -22.10 33.81 2.00
C ASP A 269 -23.38 34.37 1.35
N ASP A 270 -23.33 34.55 0.02
CA ASP A 270 -24.39 35.09 -0.84
C ASP A 270 -25.76 34.41 -0.68
N GLU A 271 -25.77 33.07 -0.55
CA GLU A 271 -27.00 32.28 -0.40
C GLU A 271 -27.61 32.40 1.01
N ARG A 272 -26.78 32.19 2.06
CA ARG A 272 -27.20 32.19 3.46
C ARG A 272 -27.30 33.59 4.10
N ARG A 273 -26.17 34.32 4.23
CA ARG A 273 -26.11 35.65 4.86
C ARG A 273 -26.57 36.75 3.91
N GLY A 274 -25.98 36.78 2.72
CA GLY A 274 -26.26 37.79 1.71
C GLY A 274 -25.48 39.07 1.94
N GLY A 275 -26.04 40.18 1.51
CA GLY A 275 -25.43 41.50 1.59
C GLY A 275 -25.21 42.07 0.21
N ALA A 276 -25.15 43.40 0.11
CA ALA A 276 -24.99 44.12 -1.16
C ALA A 276 -23.71 43.78 -1.91
N LEU A 277 -22.61 43.53 -1.18
CA LEU A 277 -21.32 43.21 -1.77
C LEU A 277 -21.00 41.71 -1.80
N ALA A 278 -21.92 40.85 -1.34
CA ALA A 278 -21.72 39.40 -1.32
C ALA A 278 -21.81 38.78 -2.74
N GLY A 279 -20.98 37.77 -2.98
CA GLY A 279 -20.94 37.04 -4.25
C GLY A 279 -20.39 37.80 -5.44
N LEU A 280 -19.63 38.89 -5.20
CA LEU A 280 -19.05 39.66 -6.30
C LEU A 280 -17.61 39.25 -6.61
N MET A 281 -16.80 39.11 -5.57
CA MET A 281 -15.39 38.75 -5.66
C MET A 281 -15.23 37.24 -5.66
N ASP A 282 -14.21 36.74 -6.38
CA ASP A 282 -13.85 35.34 -6.34
C ASP A 282 -12.61 35.13 -5.45
N TYR A 283 -12.00 36.24 -5.04
CA TYR A 283 -10.78 36.27 -4.25
C TYR A 283 -10.79 37.53 -3.41
N VAL A 284 -10.45 37.39 -2.11
CA VAL A 284 -10.36 38.53 -1.18
C VAL A 284 -9.15 38.35 -0.28
N GLU A 285 -8.24 39.31 -0.30
CA GLU A 285 -7.12 39.35 0.64
C GLU A 285 -6.95 40.78 1.10
N GLY A 286 -5.92 40.99 1.90
CA GLY A 286 -5.58 42.28 2.46
C GLY A 286 -4.16 42.24 2.97
N SER A 287 -3.60 43.42 3.19
CA SER A 287 -2.21 43.51 3.65
C SER A 287 -1.98 44.83 4.36
N VAL A 288 -0.90 44.88 5.15
CA VAL A 288 -0.51 46.04 5.95
C VAL A 288 0.83 46.54 5.45
N VAL A 289 0.92 47.85 5.22
CA VAL A 289 2.15 48.50 4.77
C VAL A 289 2.62 49.44 5.91
N THR A 290 3.64 48.97 6.66
CA THR A 290 4.23 49.70 7.79
C THR A 290 5.38 50.61 7.33
N ASP A 291 6.24 50.11 6.41
CA ASP A 291 7.36 50.89 5.90
C ASP A 291 7.18 51.21 4.41
N ASP A 316 3.54 56.72 -8.62
CA ASP A 316 2.52 56.92 -7.60
C ASP A 316 3.02 56.64 -6.17
N ALA A 317 4.36 56.49 -6.00
CA ALA A 317 5.00 56.21 -4.71
C ALA A 317 4.96 57.42 -3.76
N ALA A 318 5.11 58.65 -4.31
CA ALA A 318 5.09 59.90 -3.55
C ALA A 318 3.71 60.23 -2.97
N ARG A 319 2.64 59.80 -3.68
CA ARG A 319 1.24 60.01 -3.27
C ARG A 319 0.88 59.13 -2.07
N ILE A 320 1.27 57.83 -2.12
CA ILE A 320 1.03 56.83 -1.08
C ILE A 320 1.81 57.19 0.18
N ALA A 321 3.08 57.61 0.04
CA ALA A 321 3.97 58.03 1.14
C ALA A 321 3.42 59.26 1.86
N ALA A 322 2.76 60.18 1.11
CA ALA A 322 2.16 61.40 1.66
C ALA A 322 0.93 61.06 2.50
N LEU A 323 0.10 60.12 2.02
CA LEU A 323 -1.12 59.67 2.72
C LEU A 323 -0.75 58.84 3.96
N ALA A 324 0.42 58.15 3.93
CA ALA A 324 0.95 57.34 5.02
C ALA A 324 1.23 58.18 6.28
N GLU A 325 1.86 59.36 6.10
CA GLU A 325 2.19 60.30 7.20
C GLU A 325 0.92 60.84 7.86
N GLU A 326 -0.13 61.11 7.05
CA GLU A 326 -1.44 61.62 7.48
C GLU A 326 -2.19 60.59 8.33
N ALA A 327 -2.03 59.28 8.01
CA ALA A 327 -2.67 58.18 8.71
C ALA A 327 -1.96 57.80 10.01
N GLY A 328 -0.64 58.01 10.06
CA GLY A 328 0.19 57.71 11.22
C GLY A 328 1.29 56.70 10.98
N GLY A 329 1.72 56.59 9.72
CA GLY A 329 2.79 55.69 9.28
C GLY A 329 2.37 54.33 8.78
N VAL A 330 1.09 53.95 9.01
CA VAL A 330 0.56 52.63 8.62
C VAL A 330 -0.61 52.76 7.64
N LEU A 331 -0.53 52.03 6.52
CA LEU A 331 -1.59 51.95 5.52
C LEU A 331 -1.98 50.49 5.28
N TYR A 332 -3.16 50.27 4.71
CA TYR A 332 -3.69 48.95 4.44
C TYR A 332 -4.12 48.83 2.99
N PHE A 333 -4.10 47.62 2.46
CA PHE A 333 -4.58 47.33 1.11
C PHE A 333 -5.63 46.23 1.17
N LEU A 334 -6.67 46.37 0.36
CA LEU A 334 -7.68 45.33 0.14
C LEU A 334 -7.37 44.87 -1.28
N GLU A 335 -7.27 43.56 -1.46
CA GLU A 335 -6.98 42.99 -2.77
C GLU A 335 -8.12 42.07 -3.12
N GLY A 336 -8.65 42.24 -4.32
CA GLY A 336 -9.74 41.40 -4.80
C GLY A 336 -9.60 41.02 -6.26
N ALA A 337 -10.33 40.00 -6.67
CA ALA A 337 -10.37 39.62 -8.09
C ALA A 337 -11.70 39.02 -8.43
N VAL A 338 -12.19 39.34 -9.64
CA VAL A 338 -13.42 38.83 -10.21
C VAL A 338 -12.98 38.05 -11.46
N TYR A 339 -13.27 36.75 -11.49
CA TYR A 339 -12.94 35.92 -12.65
C TYR A 339 -14.03 36.09 -13.70
N TYR A 340 -13.67 35.95 -14.99
CA TYR A 340 -14.66 36.07 -16.08
C TYR A 340 -14.19 35.38 -17.35
N GLY A 341 -15.11 35.19 -18.29
CA GLY A 341 -14.79 34.58 -19.57
C GLY A 341 -14.58 33.09 -19.47
N GLY A 342 -14.04 32.52 -20.53
CA GLY A 342 -13.80 31.08 -20.63
C GLY A 342 -15.08 30.30 -20.41
N ALA A 343 -15.01 29.31 -19.52
CA ALA A 343 -16.15 28.46 -19.16
C ALA A 343 -16.89 28.94 -17.90
N SER A 344 -16.57 30.16 -17.42
CA SER A 344 -17.22 30.78 -16.25
C SER A 344 -18.61 31.33 -16.65
N ASP A 345 -19.51 31.51 -15.66
CA ASP A 345 -20.83 32.08 -15.94
C ASP A 345 -20.76 33.63 -15.95
N THR A 346 -19.64 34.18 -15.45
CA THR A 346 -19.44 35.63 -15.37
C THR A 346 -18.86 36.14 -16.70
N THR A 347 -19.54 37.10 -17.32
CA THR A 347 -19.09 37.70 -18.59
C THR A 347 -18.28 38.96 -18.34
N ALA A 348 -17.58 39.48 -19.39
CA ALA A 348 -16.84 40.74 -19.29
C ALA A 348 -17.81 41.90 -18.93
N ALA A 349 -19.07 41.86 -19.44
CA ALA A 349 -20.08 42.88 -19.10
C ALA A 349 -20.44 42.79 -17.59
N ASP A 350 -20.58 41.56 -17.06
CA ASP A 350 -20.88 41.33 -15.65
C ASP A 350 -19.80 41.94 -14.77
N VAL A 351 -18.52 41.82 -15.21
CA VAL A 351 -17.37 42.34 -14.48
C VAL A 351 -17.44 43.83 -14.31
N ASP A 352 -17.73 44.58 -15.37
CA ASP A 352 -17.86 46.02 -15.29
C ASP A 352 -18.91 46.43 -14.26
N LYS A 353 -20.05 45.71 -14.24
CA LYS A 353 -21.17 45.98 -13.31
C LYS A 353 -20.74 45.72 -11.86
N ARG A 354 -19.99 44.64 -11.62
CA ARG A 354 -19.52 44.31 -10.26
C ARG A 354 -18.51 45.32 -9.76
N VAL A 355 -17.54 45.70 -10.63
CA VAL A 355 -16.52 46.70 -10.28
C VAL A 355 -17.21 48.04 -9.94
N ASP A 356 -18.25 48.42 -10.72
CA ASP A 356 -18.99 49.68 -10.47
C ASP A 356 -19.58 49.67 -9.05
N VAL A 357 -20.22 48.55 -8.67
CA VAL A 357 -20.84 48.38 -7.33
C VAL A 357 -19.77 48.50 -6.25
N MET A 358 -18.64 47.78 -6.41
CA MET A 358 -17.57 47.77 -5.43
C MET A 358 -16.86 49.10 -5.28
N LEU A 359 -16.55 49.78 -6.38
CA LEU A 359 -15.91 51.09 -6.28
C LEU A 359 -16.82 52.16 -5.66
N ARG A 360 -18.15 51.96 -5.72
CA ARG A 360 -19.10 52.90 -5.13
C ARG A 360 -19.31 52.61 -3.63
N GLU A 361 -19.50 51.32 -3.30
CA GLU A 361 -19.85 50.89 -1.94
C GLU A 361 -18.67 50.72 -0.98
N LEU A 362 -17.48 50.33 -1.49
CA LEU A 362 -16.31 50.13 -0.62
C LEU A 362 -15.81 51.47 -0.05
N ARG A 363 -15.19 51.41 1.15
CA ARG A 363 -14.72 52.57 1.90
C ARG A 363 -13.22 52.82 1.78
N TYR A 364 -12.63 52.42 0.64
CA TYR A 364 -11.22 52.65 0.35
C TYR A 364 -10.99 54.17 0.16
N ALA A 365 -9.71 54.61 0.26
CA ALA A 365 -9.33 56.02 0.07
C ALA A 365 -9.50 56.40 -1.40
N ARG A 366 -10.41 57.35 -1.70
CA ARG A 366 -10.68 57.80 -3.07
C ARG A 366 -9.42 58.31 -3.75
N GLY A 367 -9.22 57.89 -5.00
CA GLY A 367 -8.03 58.21 -5.79
C GLY A 367 -6.93 57.19 -5.60
N PHE A 368 -7.16 56.18 -4.73
CA PHE A 368 -6.18 55.13 -4.45
C PHE A 368 -6.74 53.72 -4.75
N ALA A 369 -7.45 53.62 -5.89
CA ALA A 369 -8.01 52.39 -6.42
C ALA A 369 -7.22 52.02 -7.67
N TYR A 370 -6.63 50.83 -7.67
CA TYR A 370 -5.80 50.35 -8.76
C TYR A 370 -6.44 49.10 -9.34
N VAL A 371 -6.79 49.13 -10.63
CA VAL A 371 -7.46 48.02 -11.29
C VAL A 371 -6.63 47.55 -12.47
N GLN A 372 -6.42 46.23 -12.57
CA GLN A 372 -5.66 45.62 -13.65
C GLN A 372 -6.50 44.48 -14.23
N ASP A 373 -6.27 44.18 -15.51
CA ASP A 373 -6.97 43.09 -16.18
C ASP A 373 -5.90 42.11 -16.65
N VAL A 374 -5.97 40.86 -16.15
CA VAL A 374 -4.98 39.84 -16.47
C VAL A 374 -5.68 38.54 -16.86
N SER A 375 -4.91 37.56 -17.38
CA SER A 375 -5.48 36.25 -17.65
C SER A 375 -5.67 35.53 -16.28
N TYR A 376 -6.51 34.50 -16.27
CA TYR A 376 -6.79 33.71 -15.06
C TYR A 376 -5.49 33.09 -14.55
N GLU A 377 -4.68 32.51 -15.47
CA GLU A 377 -3.37 31.92 -15.13
C GLU A 377 -2.42 32.98 -14.55
N GLN A 378 -2.34 34.17 -15.18
CA GLN A 378 -1.46 35.27 -14.73
C GLN A 378 -1.82 35.69 -13.32
N PHE A 379 -3.13 35.75 -13.01
CA PHE A 379 -3.56 36.12 -11.67
C PHE A 379 -3.11 35.06 -10.65
N LEU A 380 -3.43 33.80 -10.89
CA LEU A 380 -3.04 32.74 -9.94
C LEU A 380 -1.54 32.63 -9.75
N ASP A 381 -0.78 32.85 -10.83
CA ASP A 381 0.68 32.75 -10.79
C ASP A 381 1.37 34.10 -10.54
N ARG A 382 0.63 35.11 -10.02
CA ARG A 382 1.13 36.47 -9.80
C ARG A 382 2.42 36.59 -8.96
N VAL A 383 2.59 35.72 -7.96
CA VAL A 383 3.74 35.78 -7.05
C VAL A 383 5.05 35.40 -7.75
N SER A 384 4.97 34.65 -8.88
CA SER A 384 6.16 34.27 -9.66
C SER A 384 6.99 35.48 -10.10
N ALA A 385 6.33 36.61 -10.48
CA ALA A 385 7.02 37.84 -10.88
C ALA A 385 7.79 38.38 -9.66
N GLY A 386 7.18 38.29 -8.48
CA GLY A 386 7.77 38.68 -7.20
C GLY A 386 9.00 37.84 -6.88
N GLU A 387 8.89 36.49 -7.03
CA GLU A 387 10.03 35.58 -6.77
C GLU A 387 11.18 35.88 -7.73
N ARG A 388 10.88 36.01 -9.04
CA ARG A 388 11.88 36.32 -10.07
C ARG A 388 12.63 37.62 -9.73
N ARG A 389 11.88 38.69 -9.35
CA ARG A 389 12.42 39.99 -8.97
C ARG A 389 13.36 39.87 -7.76
N LEU A 390 12.89 39.18 -6.69
CA LEU A 390 13.67 38.96 -5.47
C LEU A 390 14.95 38.17 -5.75
N ARG A 391 14.87 37.08 -6.53
CA ARG A 391 16.03 36.25 -6.91
C ARG A 391 17.08 37.09 -7.67
N GLY A 392 16.62 37.99 -8.53
CA GLY A 392 17.46 38.86 -9.33
C GLY A 392 18.23 39.87 -8.51
N GLU A 393 17.68 40.27 -7.35
CA GLU A 393 18.26 41.22 -6.41
C GLU A 393 19.03 40.50 -5.28
N GLY A 394 19.12 39.17 -5.36
CA GLY A 394 19.77 38.32 -4.37
C GLY A 394 19.06 38.32 -3.02
N LEU A 395 17.74 38.64 -3.01
CA LEU A 395 16.91 38.77 -1.81
C LEU A 395 15.91 37.60 -1.60
N TRP A 396 16.11 36.46 -2.27
CA TRP A 396 15.23 35.30 -2.13
C TRP A 396 15.88 34.28 -1.18
N ASP A 397 17.15 33.93 -1.45
CA ASP A 397 17.90 32.96 -0.64
C ASP A 397 18.49 33.66 0.60
N VAL A 398 17.59 34.09 1.48
CA VAL A 398 17.90 34.77 2.74
C VAL A 398 17.07 34.08 3.87
N PRO A 399 17.36 34.27 5.18
CA PRO A 399 16.50 33.65 6.20
C PRO A 399 15.08 34.24 6.19
N HIS A 400 14.08 33.39 6.45
CA HIS A 400 12.66 33.80 6.42
C HIS A 400 12.01 33.47 7.78
N PRO A 401 12.15 34.37 8.76
CA PRO A 401 11.52 34.12 10.08
C PRO A 401 10.03 34.46 10.03
N TRP A 402 9.28 33.63 9.33
CA TRP A 402 7.84 33.83 9.13
C TRP A 402 7.00 33.42 10.31
N LEU A 403 5.85 34.08 10.45
CA LEU A 403 4.85 33.75 11.46
C LEU A 403 3.46 33.87 10.85
N ASN A 404 2.66 32.80 10.94
CA ASN A 404 1.30 32.79 10.39
C ASN A 404 0.33 32.45 11.50
N LEU A 405 -0.69 33.28 11.65
CA LEU A 405 -1.64 33.09 12.74
C LEU A 405 -3.08 33.10 12.26
N PHE A 406 -3.97 32.48 13.04
CA PHE A 406 -5.41 32.52 12.87
C PHE A 406 -5.95 33.13 14.16
N LEU A 407 -6.87 34.08 14.02
CA LEU A 407 -7.45 34.68 15.21
C LEU A 407 -8.92 35.00 15.00
N PRO A 408 -9.71 35.10 16.08
CA PRO A 408 -11.13 35.40 15.88
C PRO A 408 -11.37 36.84 15.41
N ARG A 409 -12.42 37.02 14.63
CA ARG A 409 -12.89 38.31 14.13
C ARG A 409 -13.10 39.31 15.28
N SER A 410 -13.60 38.83 16.46
CA SER A 410 -13.87 39.69 17.62
C SER A 410 -12.62 40.42 18.14
N ARG A 411 -11.39 39.88 17.85
CA ARG A 411 -10.17 40.51 18.33
C ARG A 411 -9.27 41.10 17.23
N ILE A 412 -9.73 41.12 15.96
CA ILE A 412 -8.85 41.57 14.86
C ILE A 412 -8.41 43.03 15.05
N LEU A 413 -9.31 43.92 15.52
CA LEU A 413 -8.98 45.32 15.71
C LEU A 413 -8.01 45.54 16.89
N ASP A 414 -8.16 44.74 17.98
CA ASP A 414 -7.24 44.77 19.12
C ASP A 414 -5.86 44.30 18.67
N PHE A 415 -5.82 43.25 17.81
CA PHE A 415 -4.58 42.72 17.27
C PHE A 415 -3.94 43.79 16.37
N ALA A 416 -4.73 44.43 15.48
CA ALA A 416 -4.23 45.46 14.57
C ALA A 416 -3.58 46.61 15.38
N ALA A 417 -4.24 47.07 16.45
CA ALA A 417 -3.76 48.16 17.33
C ALA A 417 -2.43 47.80 18.04
N GLY A 418 -2.34 46.59 18.57
CA GLY A 418 -1.15 46.14 19.28
C GLY A 418 0.02 45.64 18.46
N VAL A 419 -0.26 45.12 17.26
CA VAL A 419 0.76 44.51 16.41
C VAL A 419 1.12 45.42 15.24
N PHE A 420 0.14 45.75 14.36
CA PHE A 420 0.40 46.57 13.17
C PHE A 420 0.76 48.00 13.53
N HIS A 421 0.17 48.51 14.63
CA HIS A 421 0.41 49.86 15.16
C HIS A 421 1.26 49.85 16.45
N GLY A 422 1.90 48.72 16.74
CA GLY A 422 2.74 48.55 17.92
C GLY A 422 4.01 47.75 17.65
N VAL A 423 3.94 46.42 17.85
CA VAL A 423 5.06 45.49 17.69
C VAL A 423 5.82 45.67 16.34
N LEU A 424 5.07 45.76 15.23
CA LEU A 424 5.61 45.85 13.87
C LEU A 424 5.79 47.29 13.34
N LEU A 425 5.50 48.30 14.18
CA LEU A 425 5.66 49.71 13.83
C LEU A 425 7.15 50.02 13.55
N PRO A 426 7.49 50.66 12.40
CA PRO A 426 8.91 50.94 12.11
C PRO A 426 9.48 52.09 12.96
N GLY A 435 12.65 43.60 5.05
CA GLY A 435 11.26 43.42 5.45
C GLY A 435 10.53 42.36 4.64
N GLY A 436 9.26 42.63 4.34
CA GLY A 436 8.42 41.73 3.56
C GLY A 436 6.94 41.97 3.77
N PRO A 437 6.06 41.25 3.04
CA PRO A 437 4.62 41.50 3.19
C PRO A 437 4.02 41.07 4.53
N VAL A 438 2.95 41.76 4.94
CA VAL A 438 2.18 41.44 6.14
C VAL A 438 0.74 41.29 5.66
N LEU A 439 0.27 40.04 5.53
CA LEU A 439 -1.08 39.75 5.01
C LEU A 439 -2.10 39.69 6.14
N VAL A 440 -3.33 40.10 5.83
CA VAL A 440 -4.43 40.08 6.78
C VAL A 440 -5.75 39.94 6.02
N TYR A 441 -6.48 38.85 6.28
CA TYR A 441 -7.77 38.67 5.63
C TYR A 441 -8.64 37.63 6.33
N PRO A 442 -9.98 37.75 6.14
CA PRO A 442 -10.88 36.81 6.82
C PRO A 442 -11.26 35.61 5.97
N MET A 443 -11.69 34.54 6.64
CA MET A 443 -12.18 33.33 6.03
C MET A 443 -13.42 32.88 6.80
N ASN A 444 -14.17 31.92 6.21
CA ASN A 444 -15.40 31.37 6.75
C ASN A 444 -15.18 29.98 7.31
N ARG A 445 -15.39 29.84 8.63
CA ARG A 445 -15.22 28.58 9.37
C ARG A 445 -16.04 27.40 8.77
N GLY A 446 -17.24 27.68 8.26
CA GLY A 446 -18.16 26.69 7.69
C GLY A 446 -17.62 25.93 6.49
N LYS A 447 -16.55 26.47 5.85
CA LYS A 447 -15.90 25.85 4.71
C LYS A 447 -14.80 24.85 5.13
N TRP A 448 -14.55 24.73 6.45
CA TRP A 448 -13.56 23.83 7.03
C TRP A 448 -14.24 22.63 7.70
N ASP A 449 -13.73 21.41 7.45
CA ASP A 449 -14.29 20.22 8.05
C ASP A 449 -13.62 19.99 9.43
N GLY A 450 -14.44 20.03 10.48
CA GLY A 450 -13.95 19.83 11.84
C GLY A 450 -13.39 18.45 12.15
N ALA A 451 -13.64 17.45 11.28
CA ALA A 451 -13.12 16.09 11.50
C ALA A 451 -11.61 15.95 11.17
N THR A 452 -11.03 16.91 10.41
CA THR A 452 -9.62 16.82 10.03
C THR A 452 -8.70 17.19 11.19
N SER A 453 -7.38 17.10 10.95
CA SER A 453 -6.38 17.49 11.95
C SER A 453 -6.19 19.00 12.04
N ALA A 454 -6.69 19.78 11.04
CA ALA A 454 -6.51 21.24 11.02
C ALA A 454 -7.11 21.93 12.23
N VAL A 455 -6.40 22.93 12.74
CA VAL A 455 -6.77 23.63 13.97
C VAL A 455 -7.12 25.09 13.67
N LEU A 456 -8.34 25.45 14.02
CA LEU A 456 -8.81 26.84 13.92
C LEU A 456 -8.99 27.41 15.35
N PRO A 457 -9.08 28.75 15.48
CA PRO A 457 -9.28 29.33 16.83
C PRO A 457 -10.71 29.23 17.37
N TYR A 458 -11.29 28.03 17.38
CA TYR A 458 -12.63 27.76 17.95
C TYR A 458 -12.63 26.44 18.68
N ASP A 459 -13.50 26.31 19.69
CA ASP A 459 -13.66 25.04 20.41
C ASP A 459 -14.86 24.31 19.79
N ASP A 460 -14.70 22.99 19.51
CA ASP A 460 -15.76 22.14 18.91
C ASP A 460 -17.07 22.13 19.72
N GLY A 461 -16.94 22.15 21.05
CA GLY A 461 -18.07 22.12 21.98
C GLY A 461 -18.86 23.41 22.09
N ASP A 462 -18.33 24.54 21.56
CA ASP A 462 -18.97 25.85 21.62
C ASP A 462 -20.04 26.08 20.53
N GLY A 463 -20.21 25.08 19.65
CA GLY A 463 -21.17 25.09 18.57
C GLY A 463 -20.87 26.10 17.48
N ASP A 464 -21.93 26.76 16.96
CA ASP A 464 -21.81 27.77 15.92
C ASP A 464 -21.64 29.20 16.49
N GLY A 465 -20.39 29.55 16.80
CA GLY A 465 -20.04 30.86 17.32
C GLY A 465 -19.93 31.86 16.18
N ASP A 466 -18.73 32.47 16.01
CA ASP A 466 -18.51 33.43 14.94
C ASP A 466 -18.02 32.70 13.69
N GLU A 467 -18.77 32.83 12.62
CA GLU A 467 -18.49 32.19 11.34
C GLU A 467 -17.15 32.69 10.76
N VAL A 468 -16.78 33.96 11.03
CA VAL A 468 -15.59 34.59 10.43
C VAL A 468 -14.39 34.59 11.36
N PHE A 469 -13.21 34.23 10.81
CA PHE A 469 -11.95 34.31 11.53
C PHE A 469 -10.93 34.92 10.57
N TYR A 470 -9.83 35.43 11.09
CA TYR A 470 -8.78 36.04 10.28
C TYR A 470 -7.52 35.23 10.25
N THR A 471 -6.75 35.39 9.16
CA THR A 471 -5.37 34.93 9.10
C THR A 471 -4.52 36.21 9.02
N VAL A 472 -3.36 36.14 9.66
CA VAL A 472 -2.34 37.18 9.61
C VAL A 472 -1.04 36.46 9.24
N GLY A 473 -0.40 36.91 8.17
CA GLY A 473 0.84 36.34 7.70
C GLY A 473 1.95 37.35 7.76
N ILE A 474 2.91 37.18 8.69
CA ILE A 474 4.05 38.11 8.84
C ILE A 474 5.17 37.43 8.08
N LEU A 475 5.35 37.86 6.83
CA LEU A 475 6.24 37.19 5.87
C LEU A 475 7.52 38.00 5.59
N ARG A 476 8.28 38.28 6.63
CA ARG A 476 9.50 39.10 6.47
C ARG A 476 10.74 38.28 6.12
N SER A 477 11.69 38.94 5.47
CA SER A 477 12.96 38.38 5.01
C SER A 477 14.09 39.07 5.78
N ALA A 478 15.01 38.30 6.39
CA ALA A 478 16.16 38.87 7.11
C ALA A 478 17.23 39.19 6.07
N VAL A 479 17.42 40.48 5.76
CA VAL A 479 18.36 40.91 4.72
C VAL A 479 19.64 41.53 5.34
N ALA A 480 19.48 42.62 6.11
CA ALA A 480 20.59 43.34 6.74
C ALA A 480 21.08 42.60 8.00
N ASP A 481 22.28 42.98 8.50
CA ASP A 481 22.86 42.39 9.71
C ASP A 481 21.97 42.73 10.91
N GLY A 482 21.74 41.74 11.78
CA GLY A 482 20.89 41.89 12.95
C GLY A 482 19.41 41.69 12.70
N ASP A 483 18.97 41.64 11.41
CA ASP A 483 17.56 41.46 11.04
C ASP A 483 16.97 40.17 11.60
N LEU A 484 17.67 39.03 11.46
CA LEU A 484 17.13 37.74 11.90
C LEU A 484 16.79 37.73 13.40
N ARG A 485 17.74 38.08 14.28
CA ARG A 485 17.52 38.13 15.73
C ARG A 485 16.36 39.10 16.08
N ARG A 486 16.35 40.31 15.47
CA ARG A 486 15.29 41.31 15.66
C ARG A 486 13.89 40.76 15.27
N MET A 487 13.78 40.19 14.05
CA MET A 487 12.52 39.65 13.52
C MET A 487 12.00 38.45 14.33
N GLU A 488 12.92 37.54 14.75
CA GLU A 488 12.57 36.37 15.57
C GLU A 488 12.03 36.82 16.94
N GLU A 489 12.64 37.88 17.53
CA GLU A 489 12.20 38.45 18.81
C GLU A 489 10.84 39.13 18.65
N GLN A 490 10.61 39.85 17.52
CA GLN A 490 9.31 40.47 17.24
C GLN A 490 8.21 39.40 17.10
N ASN A 491 8.54 38.23 16.50
CA ASN A 491 7.59 37.12 16.34
C ASN A 491 7.18 36.59 17.72
N ALA A 492 8.17 36.29 18.58
CA ALA A 492 7.96 35.82 19.96
C ALA A 492 7.12 36.87 20.72
N GLU A 493 7.40 38.16 20.47
CA GLU A 493 6.67 39.27 21.09
C GLU A 493 5.19 39.35 20.67
N VAL A 494 4.89 39.01 19.40
CA VAL A 494 3.50 39.00 18.92
C VAL A 494 2.77 37.93 19.74
N ALA A 495 3.36 36.71 19.85
CA ALA A 495 2.82 35.55 20.59
C ALA A 495 2.62 35.84 22.05
N ARG A 496 3.60 36.52 22.70
CA ARG A 496 3.51 36.90 24.11
C ARG A 496 2.44 37.96 24.31
N PHE A 497 2.34 38.96 23.39
CA PHE A 497 1.33 40.04 23.43
C PHE A 497 -0.10 39.47 23.39
N CYS A 498 -0.36 38.53 22.47
CA CYS A 498 -1.67 37.89 22.34
C CYS A 498 -2.06 37.14 23.62
N GLU A 499 -1.16 36.26 24.13
CA GLU A 499 -1.33 35.47 25.36
C GLU A 499 -1.63 36.39 26.54
N ALA A 500 -0.94 37.56 26.59
CA ALA A 500 -1.14 38.55 27.65
C ALA A 500 -2.45 39.34 27.53
N ALA A 501 -2.85 39.73 26.30
CA ALA A 501 -4.08 40.49 26.03
C ALA A 501 -5.33 39.59 25.98
N GLY A 502 -5.13 38.29 26.17
CA GLY A 502 -6.18 37.29 26.11
C GLY A 502 -6.77 37.09 24.73
N ILE A 503 -5.98 37.38 23.67
CA ILE A 503 -6.42 37.19 22.29
C ILE A 503 -6.16 35.71 21.93
N PRO A 504 -7.21 34.90 21.70
CA PRO A 504 -6.97 33.50 21.30
C PRO A 504 -6.23 33.53 19.96
N CYS A 505 -5.12 32.82 19.90
CA CYS A 505 -4.23 32.85 18.76
C CYS A 505 -3.81 31.42 18.42
N THR A 506 -4.04 30.99 17.17
CA THR A 506 -3.68 29.66 16.70
C THR A 506 -2.62 29.83 15.61
N GLN A 507 -1.53 29.10 15.70
CA GLN A 507 -0.52 29.18 14.65
C GLN A 507 -0.95 28.32 13.48
N TYR A 508 -0.76 28.87 12.27
CA TYR A 508 -0.87 28.11 11.03
C TYR A 508 0.60 27.71 10.77
N LEU A 509 0.88 26.48 10.29
CA LEU A 509 2.27 25.95 10.17
C LEU A 509 2.89 26.02 11.62
N PRO A 510 2.21 25.40 12.61
CA PRO A 510 2.63 25.56 14.00
C PRO A 510 3.99 24.97 14.35
N SER A 511 4.63 25.53 15.38
CA SER A 511 5.92 25.02 15.84
C SER A 511 6.01 25.18 17.36
N TYR A 512 6.00 24.05 18.10
CA TYR A 512 6.12 24.03 19.55
C TYR A 512 7.14 22.94 19.94
N ALA A 513 7.88 23.16 21.03
CA ALA A 513 8.91 22.24 21.52
C ALA A 513 8.37 21.16 22.46
N THR A 514 7.23 21.42 23.15
CA THR A 514 6.71 20.42 24.11
C THR A 514 5.32 19.94 23.76
N GLN A 515 5.02 18.72 24.16
CA GLN A 515 3.70 18.14 24.01
C GLN A 515 2.71 18.86 24.87
N ALA A 516 3.16 19.47 26.02
CA ALA A 516 2.30 20.28 26.89
C ALA A 516 1.74 21.49 26.10
N ASP A 517 2.59 22.14 25.29
CA ASP A 517 2.15 23.26 24.44
C ASP A 517 1.28 22.76 23.33
N TRP A 518 1.69 21.66 22.67
CA TRP A 518 0.88 21.14 21.56
C TRP A 518 -0.54 20.81 22.07
N ALA A 519 -0.63 20.10 23.20
CA ALA A 519 -1.90 19.68 23.80
C ALA A 519 -2.74 20.81 24.36
N ALA A 520 -2.16 21.67 25.23
CA ALA A 520 -2.94 22.73 25.91
C ALA A 520 -3.09 24.01 25.15
N ARG A 521 -2.08 24.38 24.35
CA ARG A 521 -2.12 25.66 23.65
C ARG A 521 -2.57 25.55 22.21
N HIS A 522 -2.21 24.46 21.50
CA HIS A 522 -2.54 24.28 20.10
C HIS A 522 -3.84 23.43 19.87
N PHE A 523 -3.82 22.11 20.17
CA PHE A 523 -4.99 21.24 19.96
C PHE A 523 -6.14 21.46 20.98
N GLY A 524 -5.79 21.71 22.23
CA GLY A 524 -6.71 21.87 23.36
C GLY A 524 -7.81 22.92 23.24
N PRO A 525 -7.47 24.20 22.94
CA PRO A 525 -8.53 25.22 22.83
C PRO A 525 -9.45 25.04 21.62
N ALA A 526 -9.17 24.00 20.81
CA ALA A 526 -9.94 23.68 19.61
C ALA A 526 -11.01 22.57 19.81
N GLY A 527 -11.02 21.96 20.98
CA GLY A 527 -11.97 20.90 21.32
C GLY A 527 -11.41 19.95 22.35
N SER A 528 -12.25 19.55 23.32
CA SER A 528 -11.91 18.63 24.41
C SER A 528 -11.35 17.27 23.94
N GLY A 529 -11.69 16.86 22.72
CA GLY A 529 -11.20 15.59 22.19
C GLY A 529 -10.16 15.71 21.07
N ARG A 530 -9.77 16.94 20.66
CA ARG A 530 -8.80 17.16 19.54
C ARG A 530 -7.43 16.50 19.78
N TRP A 531 -6.84 16.69 20.95
CA TRP A 531 -5.53 16.07 21.24
C TRP A 531 -5.66 14.55 21.38
N ASP A 532 -6.71 14.08 22.13
CA ASP A 532 -6.97 12.64 22.26
C ASP A 532 -7.17 12.00 20.85
N THR A 533 -7.89 12.67 19.93
CA THR A 533 -8.09 12.21 18.55
C THR A 533 -6.73 12.15 17.82
N PHE A 534 -5.93 13.21 17.95
CA PHE A 534 -4.60 13.25 17.31
C PHE A 534 -3.72 12.05 17.79
N LEU A 535 -3.71 11.77 19.12
CA LEU A 535 -2.94 10.66 19.69
C LEU A 535 -3.47 9.29 19.24
N ARG A 536 -4.83 9.14 19.21
CA ARG A 536 -5.46 7.89 18.78
C ARG A 536 -5.04 7.60 17.33
N ARG A 537 -5.09 8.61 16.48
CA ARG A 537 -4.70 8.44 15.07
C ARG A 537 -3.21 8.14 14.97
N LYS A 538 -2.39 8.79 15.80
CA LYS A 538 -0.94 8.55 15.81
C LYS A 538 -0.64 7.11 16.18
N ARG A 539 -1.31 6.58 17.22
CA ARG A 539 -1.10 5.18 17.62
C ARG A 539 -1.47 4.19 16.49
N LYS A 540 -2.49 4.52 15.70
CA LYS A 540 -3.00 3.66 14.63
C LYS A 540 -2.08 3.71 13.40
N TYR A 541 -1.66 4.91 12.99
CA TYR A 541 -0.95 5.09 11.73
C TYR A 541 0.57 5.25 11.81
N ASP A 542 1.11 5.68 12.96
CA ASP A 542 2.55 5.85 13.13
C ASP A 542 2.91 5.61 14.61
N PRO A 543 2.69 4.37 15.11
CA PRO A 543 2.99 4.08 16.54
C PRO A 543 4.45 4.27 16.97
N MET A 544 5.41 4.06 16.03
CA MET A 544 6.84 4.25 16.29
C MET A 544 7.22 5.74 16.21
N ALA A 545 6.26 6.60 15.83
CA ALA A 545 6.40 8.06 15.70
C ALA A 545 7.60 8.43 14.81
N ILE A 546 7.82 7.68 13.73
CA ILE A 546 8.99 7.97 12.89
C ILE A 546 8.75 9.14 11.94
N LEU A 547 7.49 9.45 11.65
CA LEU A 547 7.17 10.43 10.60
C LEU A 547 7.30 11.88 11.03
N SER A 548 7.98 12.66 10.16
CA SER A 548 8.08 14.11 10.33
C SER A 548 8.37 14.56 11.77
N ARG A 549 9.45 13.99 12.35
CA ARG A 549 9.87 14.35 13.71
C ARG A 549 10.31 15.81 13.81
N GLY A 550 10.60 16.44 12.66
CA GLY A 550 10.93 17.86 12.61
C GLY A 550 9.76 18.74 13.02
N GLN A 551 8.51 18.17 13.03
CA GLN A 551 7.33 18.88 13.52
C GLN A 551 7.38 18.99 15.07
N ARG A 552 8.24 18.17 15.73
CA ARG A 552 8.47 18.21 17.18
C ARG A 552 7.24 17.89 18.04
N ILE A 553 6.30 17.08 17.52
CA ILE A 553 5.16 16.67 18.33
C ILE A 553 5.55 15.40 19.08
N PHE A 554 6.21 14.46 18.38
CA PHE A 554 6.64 13.18 18.93
C PHE A 554 8.11 12.98 18.61
N SER A 555 8.90 12.44 19.57
CA SER A 555 10.32 12.21 19.35
C SER A 555 10.66 10.74 19.55
N SER A 556 9.69 9.98 20.07
CA SER A 556 9.91 8.60 20.51
C SER A 556 8.63 7.77 20.28
N PRO A 557 8.71 6.43 20.14
CA PRO A 557 7.49 5.62 19.96
C PRO A 557 6.45 5.85 21.05
N LEU A 558 5.17 5.78 20.69
CA LEU A 558 4.09 6.03 21.64
C LEU A 558 3.99 4.91 22.70
N LEU A 559 3.77 5.29 23.96
CA LEU A 559 3.67 4.31 25.06
C LEU A 559 2.35 3.54 25.02
N ALA A 560 2.30 2.35 25.68
CA ALA A 560 1.11 1.48 25.75
C ALA A 560 -0.09 2.12 26.46
N ALA B 7 -21.37 -6.66 -24.20
CA ALA B 7 -21.15 -6.31 -22.80
C ALA B 7 -20.49 -4.93 -22.65
N SER B 8 -19.86 -4.66 -21.48
CA SER B 8 -19.18 -3.40 -21.18
C SER B 8 -17.66 -3.62 -21.08
N SER B 9 -16.99 -3.69 -22.25
CA SER B 9 -15.54 -3.91 -22.36
C SER B 9 -14.79 -2.59 -22.61
N ALA B 10 -15.51 -1.55 -23.09
CA ALA B 10 -14.99 -0.21 -23.38
C ALA B 10 -14.50 0.51 -22.10
N ILE B 11 -15.21 0.27 -20.97
CA ILE B 11 -14.88 0.82 -19.64
C ILE B 11 -13.54 0.25 -19.12
N ILE B 12 -13.30 -1.07 -19.30
CA ILE B 12 -12.07 -1.77 -18.89
C ILE B 12 -10.87 -1.20 -19.67
N HIS B 13 -11.03 -1.06 -21.01
CA HIS B 13 -10.03 -0.53 -21.93
C HIS B 13 -9.61 0.90 -21.60
N ASP B 14 -10.56 1.75 -21.17
CA ASP B 14 -10.27 3.12 -20.77
C ASP B 14 -9.46 3.13 -19.47
N ILE B 15 -9.87 2.30 -18.48
CA ILE B 15 -9.21 2.15 -17.18
C ILE B 15 -7.76 1.66 -17.36
N ILE B 16 -7.56 0.54 -18.09
CA ILE B 16 -6.23 -0.05 -18.33
C ILE B 16 -5.29 0.89 -19.13
N ARG B 17 -5.83 1.68 -20.10
CA ARG B 17 -5.04 2.66 -20.88
C ARG B 17 -4.58 3.79 -19.94
N GLY B 18 -5.47 4.21 -19.04
CA GLY B 18 -5.18 5.19 -18.00
C GLY B 18 -4.11 4.70 -17.05
N LEU B 19 -4.14 3.38 -16.71
CA LEU B 19 -3.11 2.81 -15.82
C LEU B 19 -1.75 2.72 -16.51
N ALA B 20 -1.73 2.39 -17.82
CA ALA B 20 -0.51 2.31 -18.62
C ALA B 20 0.16 3.69 -18.77
N ASP B 21 -0.66 4.76 -18.82
CA ASP B 21 -0.17 6.13 -18.95
C ASP B 21 0.26 6.77 -17.61
N THR B 22 -0.27 6.27 -16.46
CA THR B 22 0.03 6.88 -15.15
C THR B 22 1.00 6.04 -14.30
N THR B 23 1.38 4.85 -14.79
CA THR B 23 2.33 3.97 -14.08
C THR B 23 3.34 3.45 -15.10
N ALA B 24 4.36 2.69 -14.62
CA ALA B 24 5.33 2.06 -15.50
C ALA B 24 4.83 0.66 -15.95
N ALA B 25 3.60 0.29 -15.57
CA ALA B 25 3.00 -0.99 -15.94
C ALA B 25 2.69 -1.01 -17.44
N ARG B 26 2.73 -2.20 -18.04
CA ARG B 26 2.40 -2.38 -19.45
C ARG B 26 1.10 -3.16 -19.58
N VAL B 27 0.37 -2.95 -20.68
CA VAL B 27 -0.90 -3.63 -20.94
C VAL B 27 -0.85 -4.27 -22.33
N ARG B 28 -1.35 -5.50 -22.46
CA ARG B 28 -1.49 -6.18 -23.75
C ARG B 28 -2.93 -6.62 -23.91
N THR B 29 -3.54 -6.30 -25.05
CA THR B 29 -4.92 -6.69 -25.35
C THR B 29 -4.97 -7.60 -26.58
N ASP B 30 -3.79 -7.91 -27.16
CA ASP B 30 -3.69 -8.76 -28.34
C ASP B 30 -4.07 -10.21 -28.03
N ALA B 31 -4.58 -10.91 -29.05
CA ALA B 31 -5.04 -12.29 -28.95
C ALA B 31 -3.99 -13.31 -28.48
N GLU B 32 -2.68 -13.02 -28.70
CA GLU B 32 -1.59 -13.92 -28.26
C GLU B 32 -1.47 -13.89 -26.72
N ALA B 33 -1.47 -12.68 -26.14
CA ALA B 33 -1.36 -12.50 -24.68
C ALA B 33 -2.61 -13.03 -23.96
N THR B 34 -3.80 -12.69 -24.49
CA THR B 34 -5.09 -13.08 -23.92
C THR B 34 -5.32 -14.59 -24.03
N ALA B 35 -4.83 -15.26 -25.10
CA ALA B 35 -4.96 -16.72 -25.28
C ALA B 35 -4.17 -17.45 -24.19
N ARG B 36 -2.89 -17.03 -23.96
CA ARG B 36 -1.98 -17.59 -22.94
C ARG B 36 -2.58 -17.45 -21.53
N ALA B 37 -3.25 -16.30 -21.28
CA ALA B 37 -3.87 -15.99 -19.98
C ALA B 37 -5.25 -16.65 -19.78
N SER B 38 -5.78 -17.33 -20.81
CA SER B 38 -7.09 -17.99 -20.75
C SER B 38 -6.99 -19.48 -20.41
N THR B 39 -5.77 -20.02 -20.48
CA THR B 39 -5.55 -21.44 -20.25
C THR B 39 -4.72 -21.70 -19.01
N ASP B 40 -4.68 -22.97 -18.61
CA ASP B 40 -3.86 -23.42 -17.50
C ASP B 40 -3.44 -24.85 -17.75
N PHE B 41 -2.79 -25.46 -16.75
CA PHE B 41 -2.30 -26.83 -16.81
C PHE B 41 -3.40 -27.88 -17.01
N GLY B 42 -4.65 -27.53 -16.70
CA GLY B 42 -5.78 -28.44 -16.87
C GLY B 42 -6.08 -28.80 -18.31
N THR B 43 -5.78 -27.89 -19.26
CA THR B 43 -6.05 -28.08 -20.71
C THR B 43 -4.82 -27.85 -21.58
N ASN B 44 -4.86 -28.35 -22.83
CA ASN B 44 -3.75 -28.12 -23.74
C ASN B 44 -4.13 -27.28 -24.97
N ALA B 45 -5.37 -26.75 -25.01
CA ALA B 45 -5.83 -25.90 -26.10
C ALA B 45 -5.02 -24.61 -26.16
N THR B 46 -4.88 -24.03 -27.36
CA THR B 46 -4.15 -22.77 -27.59
C THR B 46 -4.84 -21.64 -26.81
N ALA B 47 -6.18 -21.69 -26.74
CA ALA B 47 -7.00 -20.72 -26.04
C ALA B 47 -8.28 -21.35 -25.54
N ASP B 48 -8.78 -20.84 -24.42
CA ASP B 48 -10.08 -21.21 -23.89
C ASP B 48 -10.85 -19.93 -24.12
N ASP B 49 -11.61 -19.87 -25.22
CA ASP B 49 -12.35 -18.69 -25.63
C ASP B 49 -13.28 -18.14 -24.54
N ALA B 50 -13.96 -19.01 -23.77
CA ALA B 50 -14.85 -18.58 -22.68
C ALA B 50 -14.08 -17.88 -21.54
N ALA B 51 -12.88 -18.39 -21.20
CA ALA B 51 -12.04 -17.88 -20.12
C ALA B 51 -11.12 -16.72 -20.51
N ARG B 52 -11.20 -16.22 -21.77
CA ARG B 52 -10.35 -15.14 -22.26
C ARG B 52 -10.52 -13.84 -21.49
N PRO B 53 -9.43 -13.24 -20.97
CA PRO B 53 -9.57 -11.92 -20.32
C PRO B 53 -9.58 -10.82 -21.38
N ALA B 54 -10.05 -9.63 -20.99
CA ALA B 54 -10.05 -8.45 -21.86
C ALA B 54 -8.60 -7.99 -22.09
N ALA B 55 -7.71 -8.20 -21.10
CA ALA B 55 -6.32 -7.74 -21.18
C ALA B 55 -5.43 -8.46 -20.19
N VAL B 56 -4.12 -8.32 -20.41
CA VAL B 56 -3.09 -8.82 -19.51
C VAL B 56 -2.33 -7.58 -19.02
N PHE B 57 -2.15 -7.49 -17.68
CA PHE B 57 -1.48 -6.37 -17.04
C PHE B 57 -0.10 -6.85 -16.57
N TYR B 58 0.96 -6.10 -16.93
CA TYR B 58 2.36 -6.41 -16.62
C TYR B 58 2.88 -5.34 -15.65
N PRO B 59 2.71 -5.57 -14.33
CA PRO B 59 3.11 -4.53 -13.36
C PRO B 59 4.62 -4.40 -13.19
N SER B 60 5.10 -3.16 -12.98
CA SER B 60 6.52 -2.96 -12.69
C SER B 60 6.73 -2.95 -11.16
N CYS B 61 5.66 -2.58 -10.41
CA CYS B 61 5.67 -2.36 -8.96
C CYS B 61 4.38 -2.95 -8.38
N ALA B 62 4.40 -3.36 -7.08
CA ALA B 62 3.17 -3.80 -6.38
C ALA B 62 2.14 -2.64 -6.40
N ALA B 63 2.60 -1.35 -6.34
CA ALA B 63 1.67 -0.22 -6.41
C ALA B 63 0.84 -0.15 -7.72
N ASP B 64 1.35 -0.69 -8.85
CA ASP B 64 0.61 -0.75 -10.13
C ASP B 64 -0.59 -1.70 -10.00
N ILE B 65 -0.40 -2.81 -9.23
CA ILE B 65 -1.46 -3.80 -8.96
C ILE B 65 -2.51 -3.14 -8.05
N ALA B 66 -2.04 -2.39 -7.02
CA ALA B 66 -2.93 -1.66 -6.11
C ALA B 66 -3.81 -0.69 -6.91
N ALA B 67 -3.22 0.03 -7.88
CA ALA B 67 -3.95 1.00 -8.70
C ALA B 67 -5.02 0.27 -9.53
N LEU B 68 -4.67 -0.89 -10.08
CA LEU B 68 -5.61 -1.71 -10.87
C LEU B 68 -6.81 -2.19 -10.04
N LEU B 69 -6.54 -2.77 -8.85
CA LEU B 69 -7.59 -3.30 -7.96
C LEU B 69 -8.50 -2.18 -7.45
N ARG B 70 -7.92 -1.04 -7.07
CA ARG B 70 -8.68 0.14 -6.65
CA ARG B 70 -8.69 0.12 -6.65
C ARG B 70 -9.56 0.60 -7.81
N ALA B 71 -8.96 0.77 -9.02
CA ALA B 71 -9.70 1.24 -10.21
C ALA B 71 -10.87 0.36 -10.54
N SER B 72 -10.71 -0.97 -10.44
CA SER B 72 -11.81 -1.88 -10.69
C SER B 72 -12.86 -1.79 -9.58
N SER B 73 -12.46 -1.96 -8.31
CA SER B 73 -13.39 -1.92 -7.18
C SER B 73 -14.19 -0.61 -7.06
N ALA B 74 -13.59 0.54 -7.40
CA ALA B 74 -14.25 1.84 -7.30
C ALA B 74 -15.06 2.23 -8.53
N SER B 75 -14.96 1.46 -9.63
CA SER B 75 -15.70 1.77 -10.86
C SER B 75 -17.19 1.38 -10.77
N ALA B 76 -18.02 1.91 -11.71
CA ALA B 76 -19.46 1.67 -11.78
C ALA B 76 -19.82 0.18 -11.87
N SER B 77 -19.03 -0.61 -12.62
CA SER B 77 -19.24 -2.05 -12.75
C SER B 77 -17.89 -2.77 -12.58
N PRO B 78 -17.51 -3.05 -11.31
CA PRO B 78 -16.18 -3.69 -11.06
C PRO B 78 -15.90 -4.89 -11.97
N PHE B 79 -14.70 -4.92 -12.57
CA PHE B 79 -14.30 -5.98 -13.49
C PHE B 79 -13.40 -7.03 -12.80
N PRO B 80 -13.43 -8.30 -13.26
CA PRO B 80 -12.58 -9.32 -12.63
C PRO B 80 -11.10 -9.08 -12.82
N VAL B 81 -10.32 -9.37 -11.77
CA VAL B 81 -8.87 -9.22 -11.78
C VAL B 81 -8.31 -10.47 -11.13
N SER B 82 -7.37 -11.14 -11.80
CA SER B 82 -6.76 -12.34 -11.23
C SER B 82 -5.27 -12.37 -11.41
N ALA B 83 -4.54 -12.72 -10.34
CA ALA B 83 -3.10 -12.92 -10.44
C ALA B 83 -2.84 -14.25 -11.13
N ARG B 84 -1.84 -14.29 -12.01
CA ARG B 84 -1.44 -15.56 -12.62
C ARG B 84 0.01 -15.80 -12.21
N GLY B 85 0.26 -16.95 -11.59
CA GLY B 85 1.58 -17.40 -11.21
C GLY B 85 2.17 -18.07 -12.43
N ARG B 86 2.19 -19.39 -12.44
CA ARG B 86 2.62 -20.15 -13.61
C ARG B 86 1.42 -20.82 -14.32
N GLY B 87 0.22 -20.62 -13.77
CA GLY B 87 -0.99 -21.25 -14.31
C GLY B 87 -0.95 -22.76 -14.15
N HIS B 88 -0.39 -23.24 -13.03
CA HIS B 88 -0.35 -24.68 -12.77
C HIS B 88 -1.71 -25.20 -12.24
N SER B 89 -2.69 -24.29 -12.03
CA SER B 89 -4.07 -24.63 -11.70
C SER B 89 -4.60 -25.53 -12.81
N THR B 90 -5.59 -26.39 -12.49
CA THR B 90 -6.18 -27.30 -13.47
C THR B 90 -7.68 -27.05 -13.71
N ARG B 91 -8.31 -26.08 -13.02
CA ARG B 91 -9.75 -25.81 -13.13
C ARG B 91 -10.10 -24.32 -13.32
N GLY B 92 -9.24 -23.57 -14.00
CA GLY B 92 -9.45 -22.15 -14.30
C GLY B 92 -9.32 -21.17 -13.15
N GLN B 93 -8.70 -21.60 -12.03
CA GLN B 93 -8.51 -20.77 -10.84
C GLN B 93 -7.80 -19.44 -11.07
N ALA B 94 -6.89 -19.35 -12.07
CA ALA B 94 -6.12 -18.13 -12.33
C ALA B 94 -6.68 -17.31 -13.49
N THR B 95 -7.86 -17.69 -14.02
CA THR B 95 -8.46 -16.97 -15.14
C THR B 95 -9.26 -15.74 -14.68
N ALA B 96 -9.42 -14.75 -15.56
CA ALA B 96 -10.25 -13.58 -15.28
C ALA B 96 -11.11 -13.37 -16.53
N PRO B 97 -12.14 -14.23 -16.76
CA PRO B 97 -12.95 -14.11 -17.99
C PRO B 97 -13.57 -12.73 -18.15
N GLY B 98 -13.28 -12.09 -19.28
CA GLY B 98 -13.74 -10.75 -19.59
C GLY B 98 -13.17 -9.69 -18.66
N GLY B 99 -12.06 -10.02 -18.00
CA GLY B 99 -11.42 -9.12 -17.06
C GLY B 99 -9.94 -8.91 -17.33
N VAL B 100 -9.15 -8.76 -16.25
CA VAL B 100 -7.72 -8.52 -16.40
C VAL B 100 -6.89 -9.56 -15.64
N VAL B 101 -5.93 -10.18 -16.32
CA VAL B 101 -5.01 -11.13 -15.70
C VAL B 101 -3.73 -10.37 -15.39
N VAL B 102 -3.25 -10.51 -14.16
CA VAL B 102 -2.02 -9.85 -13.73
C VAL B 102 -0.87 -10.83 -13.90
N ASP B 103 0.07 -10.49 -14.81
CA ASP B 103 1.25 -11.32 -15.06
C ASP B 103 2.23 -11.04 -13.94
N MET B 104 2.18 -11.89 -12.88
CA MET B 104 3.01 -11.67 -11.69
C MET B 104 4.50 -11.64 -11.99
N ALA B 105 4.94 -12.46 -12.97
CA ALA B 105 6.35 -12.53 -13.39
C ALA B 105 6.95 -11.13 -13.71
N SER B 106 6.11 -10.16 -14.16
CA SER B 106 6.57 -8.80 -14.49
C SER B 106 7.19 -8.05 -13.32
N LEU B 107 6.81 -8.41 -12.08
CA LEU B 107 7.39 -7.78 -10.88
C LEU B 107 8.90 -8.02 -10.77
N ALA B 108 9.38 -9.12 -11.37
CA ALA B 108 10.79 -9.53 -11.33
C ALA B 108 11.69 -8.72 -12.30
N VAL B 109 11.07 -7.84 -13.11
CA VAL B 109 11.78 -6.99 -14.07
C VAL B 109 11.89 -5.57 -13.51
N THR B 124 12.60 -15.95 -14.29
CA THR B 124 12.10 -14.92 -13.39
C THR B 124 13.04 -14.68 -12.19
N SER B 125 14.08 -15.54 -12.02
CA SER B 125 15.06 -15.47 -10.94
C SER B 125 15.77 -14.11 -10.94
N ALA B 126 15.59 -13.34 -9.84
CA ALA B 126 16.20 -12.03 -9.66
C ALA B 126 16.57 -11.83 -8.20
N SER B 127 17.86 -11.48 -7.94
CA SER B 127 18.44 -11.22 -6.62
C SER B 127 17.57 -10.27 -5.78
N ALA B 128 17.08 -9.18 -6.40
CA ALA B 128 16.20 -8.18 -5.78
C ALA B 128 14.92 -8.83 -5.22
N ARG B 129 14.43 -9.90 -5.89
CA ARG B 129 13.20 -10.61 -5.53
C ARG B 129 13.46 -11.81 -4.61
N LEU B 130 14.73 -12.06 -4.25
CA LEU B 130 15.12 -13.22 -3.45
C LEU B 130 16.19 -12.82 -2.44
N ALA B 131 15.85 -11.89 -1.54
CA ALA B 131 16.78 -11.32 -0.58
C ALA B 131 16.91 -12.13 0.68
N VAL B 132 18.09 -12.70 0.87
CA VAL B 132 18.36 -13.54 2.05
C VAL B 132 18.93 -12.69 3.19
N SER B 133 18.36 -12.86 4.39
CA SER B 133 18.91 -12.28 5.61
C SER B 133 19.57 -13.45 6.35
N VAL B 134 20.91 -13.48 6.36
CA VAL B 134 21.68 -14.54 7.03
C VAL B 134 21.43 -14.49 8.54
N ASP B 135 21.51 -13.29 9.13
CA ASP B 135 21.29 -13.08 10.57
C ASP B 135 19.85 -13.39 11.00
N GLY B 136 18.87 -12.96 10.19
CA GLY B 136 17.46 -13.19 10.48
C GLY B 136 16.99 -14.59 10.10
N ARG B 137 17.81 -15.33 9.31
CA ARG B 137 17.46 -16.67 8.82
C ARG B 137 16.11 -16.68 8.09
N TYR B 138 15.97 -15.76 7.14
CA TYR B 138 14.77 -15.70 6.31
C TYR B 138 15.13 -15.22 4.92
N ILE B 139 14.21 -15.43 3.99
CA ILE B 139 14.32 -14.92 2.63
C ILE B 139 13.04 -14.14 2.32
N ASP B 140 13.22 -12.92 1.78
CA ASP B 140 12.12 -12.10 1.30
C ASP B 140 11.98 -12.47 -0.18
N ALA B 141 10.93 -13.24 -0.49
CA ALA B 141 10.70 -13.72 -1.85
C ALA B 141 9.52 -13.03 -2.51
N GLY B 142 9.69 -12.57 -3.75
CA GLY B 142 8.57 -11.99 -4.48
C GLY B 142 7.50 -13.04 -4.69
N GLY B 143 6.23 -12.64 -4.63
CA GLY B 143 5.11 -13.56 -4.81
C GLY B 143 5.15 -14.32 -6.13
N GLU B 144 5.80 -13.74 -7.14
CA GLU B 144 5.93 -14.34 -8.47
C GLU B 144 7.08 -15.36 -8.53
N GLN B 145 8.00 -15.32 -7.56
CA GLN B 145 9.21 -16.16 -7.62
C GLN B 145 8.91 -17.65 -7.57
N LEU B 146 9.70 -18.46 -8.28
CA LEU B 146 9.54 -19.90 -8.27
C LEU B 146 10.26 -20.50 -7.05
N TRP B 147 9.68 -21.55 -6.47
CA TRP B 147 10.31 -22.22 -5.34
C TRP B 147 11.71 -22.77 -5.68
N VAL B 148 11.96 -23.19 -6.94
CA VAL B 148 13.32 -23.65 -7.32
C VAL B 148 14.36 -22.50 -7.14
N ASP B 149 13.97 -21.26 -7.50
CA ASP B 149 14.83 -20.09 -7.37
C ASP B 149 14.97 -19.67 -5.91
N VAL B 150 13.91 -19.85 -5.10
CA VAL B 150 13.98 -19.60 -3.65
C VAL B 150 15.03 -20.56 -3.06
N LEU B 151 14.96 -21.84 -3.47
CA LEU B 151 15.90 -22.87 -3.02
C LEU B 151 17.37 -22.46 -3.30
N HIS B 152 17.70 -22.16 -4.56
CA HIS B 152 19.06 -21.80 -4.97
C HIS B 152 19.56 -20.53 -4.28
N ALA B 153 18.68 -19.53 -4.09
CA ALA B 153 19.05 -18.29 -3.39
C ALA B 153 19.43 -18.58 -1.92
N ALA B 154 18.68 -19.47 -1.26
CA ALA B 154 18.93 -19.85 0.14
C ALA B 154 20.19 -20.72 0.24
N LEU B 155 20.35 -21.71 -0.67
CA LEU B 155 21.51 -22.61 -0.66
C LEU B 155 22.84 -21.84 -0.83
N ALA B 156 22.82 -20.70 -1.54
CA ALA B 156 24.02 -19.87 -1.72
C ALA B 156 24.58 -19.36 -0.39
N HIS B 157 23.74 -19.35 0.68
CA HIS B 157 24.10 -18.93 2.03
C HIS B 157 24.06 -20.10 3.03
N GLY B 158 24.03 -21.35 2.52
CA GLY B 158 23.98 -22.56 3.34
C GLY B 158 22.67 -22.71 4.10
N LEU B 159 21.58 -22.12 3.55
CA LEU B 159 20.28 -22.15 4.20
C LEU B 159 19.21 -22.76 3.30
N THR B 160 18.07 -23.12 3.90
CA THR B 160 16.98 -23.71 3.15
C THR B 160 15.61 -23.47 3.75
N PRO B 161 14.56 -23.27 2.92
CA PRO B 161 13.19 -23.37 3.45
C PRO B 161 12.97 -24.81 3.96
N ARG B 162 12.07 -24.96 4.92
CA ARG B 162 11.77 -26.23 5.59
C ARG B 162 10.63 -27.03 4.95
N SER B 163 9.76 -26.36 4.17
CA SER B 163 8.58 -26.98 3.61
C SER B 163 8.47 -26.71 2.12
N TRP B 164 8.10 -27.77 1.37
CA TRP B 164 8.13 -27.75 -0.09
C TRP B 164 6.87 -28.27 -0.76
N THR B 165 6.87 -28.18 -2.08
CA THR B 165 5.94 -28.84 -3.01
C THR B 165 6.87 -29.86 -3.71
N ASP B 166 6.32 -30.98 -4.20
CA ASP B 166 7.12 -31.97 -4.95
C ASP B 166 7.72 -31.34 -6.20
N TYR B 167 6.95 -30.44 -6.87
CA TYR B 167 7.33 -29.79 -8.11
C TYR B 167 7.71 -28.34 -7.76
N LEU B 168 8.96 -27.95 -8.09
CA LEU B 168 9.49 -26.67 -7.63
C LEU B 168 9.20 -25.48 -8.52
N ARG B 169 8.73 -25.72 -9.75
CA ARG B 169 8.45 -24.62 -10.69
C ARG B 169 7.03 -24.10 -10.51
N LEU B 170 6.70 -23.72 -9.26
CA LEU B 170 5.42 -23.14 -8.86
C LEU B 170 5.74 -21.82 -8.16
N THR B 171 4.82 -20.86 -8.19
CA THR B 171 5.11 -19.58 -7.54
C THR B 171 4.83 -19.60 -6.06
N VAL B 172 5.53 -18.70 -5.36
CA VAL B 172 5.35 -18.50 -3.92
C VAL B 172 3.89 -18.10 -3.63
N GLY B 173 3.36 -17.10 -4.34
CA GLY B 173 1.98 -16.67 -4.13
C GLY B 173 0.94 -17.74 -4.46
N GLY B 174 1.20 -18.52 -5.51
CA GLY B 174 0.32 -19.57 -5.96
C GLY B 174 0.19 -20.71 -4.95
N THR B 175 1.33 -21.22 -4.44
CA THR B 175 1.24 -22.30 -3.45
C THR B 175 0.72 -21.81 -2.12
N LEU B 176 1.14 -20.58 -1.70
CA LEU B 176 0.65 -20.04 -0.41
C LEU B 176 -0.84 -19.76 -0.41
N SER B 177 -1.44 -19.63 -1.60
CA SER B 177 -2.88 -19.43 -1.72
C SER B 177 -3.63 -20.78 -1.59
N ASN B 178 -2.88 -21.90 -1.53
CA ASN B 178 -3.47 -23.23 -1.41
C ASN B 178 -3.02 -23.86 -0.10
N ALA B 179 -1.75 -24.27 -0.05
CA ALA B 179 -1.11 -24.79 1.17
C ALA B 179 0.37 -25.04 0.90
N GLY B 180 0.67 -25.78 -0.17
CA GLY B 180 2.02 -26.16 -0.54
C GLY B 180 2.44 -27.36 0.28
N ILE B 181 2.17 -28.56 -0.25
CA ILE B 181 2.45 -29.84 0.44
C ILE B 181 3.45 -30.72 -0.30
N SER B 182 4.18 -31.51 0.49
CA SER B 182 5.15 -32.50 0.02
C SER B 182 5.44 -33.41 1.22
N GLY B 183 6.44 -34.28 1.07
CA GLY B 183 6.78 -35.24 2.12
C GLY B 183 7.39 -34.68 3.38
N GLN B 184 7.68 -33.36 3.45
CA GLN B 184 8.25 -32.72 4.66
C GLN B 184 7.15 -32.13 5.53
N ALA B 185 5.92 -32.00 4.96
CA ALA B 185 4.82 -31.35 5.66
C ALA B 185 4.42 -32.01 6.96
N PHE B 186 4.65 -33.33 7.11
CA PHE B 186 4.30 -34.00 8.37
C PHE B 186 5.09 -33.41 9.54
N ARG B 187 6.32 -32.93 9.26
CA ARG B 187 7.16 -32.42 10.34
C ARG B 187 7.14 -30.93 10.51
N HIS B 188 7.21 -30.17 9.41
CA HIS B 188 7.27 -28.71 9.51
C HIS B 188 5.96 -28.02 9.10
N GLY B 189 4.99 -28.83 8.68
CA GLY B 189 3.73 -28.32 8.19
C GLY B 189 3.85 -27.92 6.72
N PRO B 190 2.72 -27.58 6.10
CA PRO B 190 2.74 -27.12 4.70
C PRO B 190 3.44 -25.76 4.55
N GLN B 191 3.64 -25.30 3.33
CA GLN B 191 4.31 -24.01 3.14
C GLN B 191 3.61 -22.85 3.85
N ILE B 192 2.28 -22.90 3.96
CA ILE B 192 1.52 -21.84 4.66
C ILE B 192 1.84 -21.77 6.17
N SER B 193 2.42 -22.85 6.74
CA SER B 193 2.81 -22.89 8.16
C SER B 193 4.23 -22.38 8.35
N ASN B 194 4.88 -21.96 7.24
CA ASN B 194 6.27 -21.51 7.25
C ASN B 194 6.41 -20.13 6.59
N VAL B 195 5.67 -19.15 7.13
CA VAL B 195 5.66 -17.77 6.62
C VAL B 195 5.73 -16.82 7.81
N LEU B 196 6.65 -15.86 7.76
CA LEU B 196 6.81 -14.86 8.80
C LEU B 196 5.87 -13.66 8.54
N GLU B 197 5.80 -13.22 7.28
CA GLU B 197 4.95 -12.09 6.90
C GLU B 197 4.69 -12.08 5.42
N LEU B 198 3.67 -11.34 5.02
CA LEU B 198 3.30 -11.18 3.62
C LEU B 198 3.07 -9.70 3.30
N ASP B 199 3.34 -9.30 2.06
CA ASP B 199 2.88 -8.02 1.52
C ASP B 199 1.70 -8.46 0.67
N VAL B 200 0.52 -7.90 0.94
CA VAL B 200 -0.70 -8.26 0.24
C VAL B 200 -1.33 -7.02 -0.37
N VAL B 201 -1.74 -7.10 -1.63
CA VAL B 201 -2.51 -6.03 -2.26
C VAL B 201 -3.97 -6.52 -2.19
N THR B 202 -4.80 -5.90 -1.32
CA THR B 202 -6.20 -6.32 -1.14
C THR B 202 -7.06 -6.03 -2.39
N GLY B 203 -8.21 -6.67 -2.47
CA GLY B 203 -9.16 -6.44 -3.57
C GLY B 203 -9.58 -4.98 -3.63
N THR B 204 -9.57 -4.30 -2.46
CA THR B 204 -9.91 -2.87 -2.34
C THR B 204 -8.77 -1.98 -2.88
N GLY B 205 -7.59 -2.55 -3.11
CA GLY B 205 -6.45 -1.83 -3.65
C GLY B 205 -5.47 -1.26 -2.64
N ASP B 206 -5.55 -1.72 -1.38
CA ASP B 206 -4.59 -1.28 -0.37
C ASP B 206 -3.42 -2.24 -0.36
N MET B 207 -2.24 -1.77 0.04
CA MET B 207 -1.06 -2.61 0.17
CA MET B 207 -1.07 -2.64 0.17
C MET B 207 -0.84 -2.77 1.66
N VAL B 208 -1.01 -3.99 2.20
CA VAL B 208 -0.87 -4.20 3.65
C VAL B 208 0.19 -5.26 3.94
N THR B 209 1.15 -4.95 4.84
CA THR B 209 2.13 -5.93 5.29
C THR B 209 1.47 -6.59 6.48
N CYS B 210 1.37 -7.92 6.48
CA CYS B 210 0.67 -8.60 7.57
C CYS B 210 1.41 -9.81 8.07
N SER B 211 1.14 -10.20 9.33
CA SER B 211 1.83 -11.29 10.03
C SER B 211 0.95 -11.68 11.22
N LYS B 212 1.43 -12.59 12.10
CA LYS B 212 0.68 -12.91 13.32
C LYS B 212 0.60 -11.71 14.28
N GLU B 213 1.55 -10.77 14.15
CA GLU B 213 1.67 -9.59 14.99
C GLU B 213 0.95 -8.34 14.45
N LYS B 214 0.68 -8.28 13.13
CA LYS B 214 0.02 -7.11 12.53
C LYS B 214 -0.97 -7.58 11.47
N ASP B 215 -2.25 -7.13 11.56
CA ASP B 215 -3.31 -7.50 10.60
C ASP B 215 -3.33 -9.04 10.41
N ALA B 216 -3.29 -9.77 11.54
CA ALA B 216 -3.30 -11.24 11.56
C ALA B 216 -4.51 -11.80 10.80
N ASP B 217 -5.66 -11.10 10.87
CA ASP B 217 -6.84 -11.57 10.13
C ASP B 217 -6.60 -11.63 8.62
N LEU B 218 -5.92 -10.63 8.04
CA LEU B 218 -5.61 -10.65 6.61
C LEU B 218 -4.57 -11.75 6.30
N PHE B 219 -3.51 -11.81 7.13
CA PHE B 219 -2.45 -12.81 7.02
C PHE B 219 -3.06 -14.22 6.95
N ASP B 220 -3.86 -14.57 7.97
CA ASP B 220 -4.52 -15.88 8.04
C ASP B 220 -5.54 -16.10 6.93
N ALA B 221 -6.24 -15.03 6.50
CA ALA B 221 -7.21 -15.14 5.41
C ALA B 221 -6.51 -15.54 4.10
N VAL B 222 -5.43 -14.84 3.77
CA VAL B 222 -4.68 -15.04 2.53
C VAL B 222 -4.06 -16.45 2.46
N LEU B 223 -3.52 -16.95 3.59
CA LEU B 223 -2.89 -18.28 3.64
C LEU B 223 -3.97 -19.36 3.42
N GLY B 224 -3.86 -20.06 2.29
CA GLY B 224 -4.84 -21.05 1.88
C GLY B 224 -6.13 -20.44 1.38
N GLY B 225 -6.11 -19.12 1.17
CA GLY B 225 -7.26 -18.29 0.80
C GLY B 225 -7.75 -18.29 -0.62
N LEU B 226 -7.15 -19.13 -1.50
CA LEU B 226 -7.57 -19.29 -2.91
C LEU B 226 -7.63 -17.95 -3.68
N GLY B 227 -6.72 -17.04 -3.33
CA GLY B 227 -6.61 -15.71 -3.92
C GLY B 227 -7.81 -14.80 -3.72
N GLN B 228 -8.69 -15.12 -2.77
CA GLN B 228 -9.93 -14.37 -2.56
C GLN B 228 -9.80 -13.03 -1.84
N PHE B 229 -8.68 -12.79 -1.16
CA PHE B 229 -8.57 -11.61 -0.30
C PHE B 229 -7.50 -10.59 -0.73
N GLY B 230 -6.57 -11.03 -1.54
CA GLY B 230 -5.53 -10.13 -2.00
C GLY B 230 -4.41 -10.86 -2.70
N ILE B 231 -3.58 -10.09 -3.38
CA ILE B 231 -2.46 -10.63 -4.15
C ILE B 231 -1.19 -10.53 -3.30
N ILE B 232 -0.50 -11.65 -3.14
CA ILE B 232 0.76 -11.72 -2.40
C ILE B 232 1.85 -11.22 -3.34
N THR B 233 2.51 -10.12 -2.95
CA THR B 233 3.63 -9.56 -3.72
C THR B 233 4.97 -9.92 -3.09
N ARG B 234 4.95 -10.28 -1.79
CA ARG B 234 6.16 -10.71 -1.07
C ARG B 234 5.79 -11.68 0.02
N ALA B 235 6.62 -12.69 0.23
CA ALA B 235 6.43 -13.56 1.38
C ALA B 235 7.80 -13.73 2.04
N ARG B 236 7.86 -13.55 3.37
CA ARG B 236 9.08 -13.71 4.13
C ARG B 236 9.06 -15.14 4.67
N ILE B 237 9.99 -15.96 4.17
CA ILE B 237 10.04 -17.39 4.44
C ILE B 237 11.20 -17.71 5.37
N PRO B 238 10.94 -18.35 6.54
CA PRO B 238 12.06 -18.70 7.44
C PRO B 238 12.92 -19.79 6.86
N LEU B 239 14.21 -19.79 7.24
CA LEU B 239 15.21 -20.71 6.72
C LEU B 239 15.90 -21.50 7.80
N ALA B 240 16.22 -22.74 7.50
CA ALA B 240 16.95 -23.64 8.39
C ALA B 240 18.37 -23.86 7.83
N PRO B 241 19.34 -24.30 8.65
CA PRO B 241 20.67 -24.65 8.09
C PRO B 241 20.49 -25.74 7.02
N ALA B 242 21.19 -25.61 5.88
CA ALA B 242 20.99 -26.58 4.81
C ALA B 242 21.80 -27.86 4.90
N PRO B 243 21.17 -29.03 4.69
CA PRO B 243 21.99 -30.27 4.59
C PRO B 243 22.70 -30.32 3.22
N ALA B 244 23.64 -31.24 3.05
CA ALA B 244 24.36 -31.39 1.78
C ALA B 244 23.74 -32.49 0.94
N ARG B 245 23.27 -33.58 1.59
CA ARG B 245 22.83 -34.77 0.89
C ARG B 245 21.56 -35.38 1.40
N ALA B 246 21.03 -36.34 0.63
CA ALA B 246 19.82 -37.07 0.97
C ALA B 246 19.96 -38.57 0.64
N ARG B 247 19.70 -39.44 1.64
CA ARG B 247 19.67 -40.90 1.43
C ARG B 247 18.20 -41.16 1.10
N TRP B 248 17.94 -41.64 -0.10
CA TRP B 248 16.61 -41.76 -0.69
C TRP B 248 16.21 -43.23 -0.85
N LEU B 249 15.13 -43.61 -0.15
CA LEU B 249 14.61 -44.98 -0.12
C LEU B 249 13.28 -45.11 -0.86
N ARG B 250 13.15 -46.22 -1.61
CA ARG B 250 11.93 -46.56 -2.33
C ARG B 250 11.68 -48.02 -2.01
N LEU B 251 10.61 -48.28 -1.24
CA LEU B 251 10.29 -49.61 -0.74
C LEU B 251 8.93 -50.05 -1.27
N LEU B 252 8.89 -51.23 -1.91
CA LEU B 252 7.66 -51.79 -2.47
C LEU B 252 6.84 -52.48 -1.37
N TYR B 253 5.51 -52.27 -1.38
CA TYR B 253 4.56 -52.90 -0.46
C TYR B 253 3.49 -53.62 -1.26
N THR B 254 3.00 -54.74 -0.74
CA THR B 254 1.96 -55.52 -1.43
C THR B 254 0.53 -55.12 -1.03
N GLY B 255 0.40 -54.27 -0.02
CA GLY B 255 -0.90 -53.83 0.47
C GLY B 255 -0.92 -52.48 1.16
N ALA B 256 -2.08 -51.81 1.12
CA ALA B 256 -2.25 -50.49 1.73
C ALA B 256 -2.17 -50.52 3.26
N ALA B 257 -2.62 -51.62 3.91
CA ALA B 257 -2.59 -51.73 5.38
C ALA B 257 -1.18 -51.52 5.96
N ASP B 258 -0.20 -52.29 5.48
CA ASP B 258 1.19 -52.17 5.94
C ASP B 258 1.83 -50.88 5.47
N LEU B 259 1.50 -50.40 4.26
CA LEU B 259 2.08 -49.16 3.75
C LEU B 259 1.68 -48.00 4.67
N THR B 260 0.37 -47.81 4.89
CA THR B 260 -0.17 -46.72 5.71
C THR B 260 0.27 -46.81 7.18
N ALA B 261 0.23 -48.03 7.77
CA ALA B 261 0.67 -48.25 9.15
C ALA B 261 2.13 -47.81 9.32
N ASP B 262 3.00 -48.21 8.39
CA ASP B 262 4.42 -47.84 8.39
C ASP B 262 4.64 -46.36 8.16
N GLN B 263 3.87 -45.74 7.25
CA GLN B 263 4.00 -44.29 7.01
C GLN B 263 3.70 -43.54 8.31
N GLU B 264 2.65 -43.97 9.04
CA GLU B 264 2.27 -43.33 10.31
C GLU B 264 3.34 -43.47 11.36
N ARG B 265 4.02 -44.62 11.41
CA ARG B 265 5.14 -44.85 12.33
C ARG B 265 6.27 -43.85 11.99
N LEU B 266 6.56 -43.66 10.69
CA LEU B 266 7.63 -42.77 10.22
C LEU B 266 7.34 -41.29 10.46
N ILE B 267 6.07 -40.87 10.42
CA ILE B 267 5.72 -39.46 10.58
C ILE B 267 5.42 -39.09 12.06
N ALA B 268 5.48 -40.06 12.99
CA ALA B 268 5.21 -39.81 14.41
C ALA B 268 6.11 -38.73 15.00
N ASP B 269 5.59 -37.92 15.93
CA ASP B 269 6.38 -36.87 16.60
C ASP B 269 7.46 -37.49 17.50
N ASP B 270 7.14 -38.62 18.17
CA ASP B 270 8.05 -39.33 19.08
C ASP B 270 7.80 -40.85 19.14
N GLU B 271 8.47 -41.53 20.10
CA GLU B 271 8.41 -42.98 20.33
C GLU B 271 6.99 -43.52 20.60
N ARG B 272 6.06 -42.65 21.08
CA ARG B 272 4.68 -43.05 21.43
C ARG B 272 3.87 -43.59 20.23
N ARG B 273 3.96 -42.92 19.06
CA ARG B 273 3.24 -43.31 17.84
C ARG B 273 4.12 -44.08 16.83
N GLY B 274 5.45 -43.91 16.93
CA GLY B 274 6.37 -44.52 15.97
C GLY B 274 7.51 -45.38 16.48
N GLY B 275 7.63 -45.53 17.81
CA GLY B 275 8.71 -46.31 18.42
C GLY B 275 10.08 -45.85 17.94
N ALA B 276 10.92 -46.81 17.49
CA ALA B 276 12.25 -46.53 16.93
C ALA B 276 12.19 -45.86 15.55
N LEU B 277 11.02 -45.91 14.86
CA LEU B 277 10.91 -45.30 13.53
C LEU B 277 10.65 -43.79 13.54
N ALA B 278 10.24 -43.19 14.68
CA ALA B 278 9.99 -41.76 14.72
C ALA B 278 11.29 -40.92 14.68
N GLY B 279 11.22 -39.79 13.99
CA GLY B 279 12.33 -38.84 13.86
C GLY B 279 13.47 -39.29 12.99
N LEU B 280 13.28 -40.35 12.16
CA LEU B 280 14.37 -40.83 11.30
C LEU B 280 14.35 -40.19 9.92
N MET B 281 13.17 -40.19 9.28
CA MET B 281 12.99 -39.63 7.94
C MET B 281 12.74 -38.14 8.01
N ASP B 282 13.18 -37.41 6.96
CA ASP B 282 12.89 -35.98 6.82
C ASP B 282 11.82 -35.77 5.78
N TYR B 283 11.47 -36.85 5.07
CA TYR B 283 10.50 -36.83 3.99
C TYR B 283 9.84 -38.20 3.94
N VAL B 284 8.50 -38.22 3.84
CA VAL B 284 7.72 -39.48 3.75
C VAL B 284 6.61 -39.27 2.75
N GLU B 285 6.59 -40.12 1.72
CA GLU B 285 5.50 -40.14 0.75
C GLU B 285 5.18 -41.59 0.45
N GLY B 286 4.22 -41.78 -0.43
CA GLY B 286 3.79 -43.10 -0.86
C GLY B 286 3.03 -42.95 -2.14
N SER B 287 2.85 -44.07 -2.84
CA SER B 287 2.17 -44.05 -4.14
C SER B 287 1.62 -45.41 -4.47
N VAL B 288 0.69 -45.44 -5.44
CA VAL B 288 0.00 -46.64 -5.93
C VAL B 288 0.46 -46.92 -7.37
N VAL B 289 0.87 -48.16 -7.65
CA VAL B 289 1.30 -48.61 -8.97
C VAL B 289 0.31 -49.64 -9.57
N THR B 290 -0.30 -49.28 -10.72
CA THR B 290 -1.27 -50.11 -11.47
C THR B 290 -0.88 -50.15 -12.95
N ASP B 291 -0.53 -51.35 -13.46
CA ASP B 291 -0.12 -51.62 -14.86
C ASP B 291 1.00 -50.72 -15.37
N ASP B 316 14.60 -53.90 -13.85
CA ASP B 316 13.85 -54.46 -12.73
C ASP B 316 12.32 -54.34 -12.91
N ALA B 317 11.87 -53.98 -14.14
CA ALA B 317 10.46 -53.81 -14.48
C ALA B 317 9.70 -55.13 -14.55
N ALA B 318 10.36 -56.21 -15.03
CA ALA B 318 9.79 -57.56 -15.14
C ALA B 318 9.54 -58.22 -13.77
N ARG B 319 10.37 -57.88 -12.76
CA ARG B 319 10.27 -58.38 -11.39
C ARG B 319 9.05 -57.79 -10.67
N ILE B 320 8.86 -56.45 -10.81
CA ILE B 320 7.77 -55.69 -10.19
C ILE B 320 6.42 -56.10 -10.82
N ALA B 321 6.38 -56.28 -12.16
CA ALA B 321 5.21 -56.71 -12.92
C ALA B 321 4.77 -58.13 -12.52
N ALA B 322 5.74 -59.01 -12.18
CA ALA B 322 5.48 -60.39 -11.75
C ALA B 322 4.86 -60.40 -10.34
N LEU B 323 5.36 -59.54 -9.43
CA LEU B 323 4.84 -59.41 -8.07
C LEU B 323 3.45 -58.76 -8.06
N ALA B 324 3.17 -57.90 -9.06
CA ALA B 324 1.90 -57.19 -9.25
C ALA B 324 0.74 -58.17 -9.48
N GLU B 325 0.95 -59.20 -10.34
CA GLU B 325 -0.06 -60.23 -10.64
C GLU B 325 -0.40 -61.06 -9.39
N GLU B 326 0.63 -61.38 -8.58
CA GLU B 326 0.52 -62.15 -7.34
C GLU B 326 -0.29 -61.39 -6.26
N ALA B 327 -0.17 -60.04 -6.23
CA ALA B 327 -0.87 -59.16 -5.29
C ALA B 327 -2.33 -58.89 -5.70
N GLY B 328 -2.60 -58.93 -7.00
CA GLY B 328 -3.93 -58.69 -7.56
C GLY B 328 -4.03 -57.51 -8.51
N GLY B 329 -2.90 -57.09 -9.08
CA GLY B 329 -2.81 -55.97 -10.01
C GLY B 329 -2.42 -54.63 -9.41
N VAL B 330 -2.49 -54.52 -8.06
CA VAL B 330 -2.18 -53.27 -7.34
C VAL B 330 -0.97 -53.41 -6.39
N LEU B 331 0.05 -52.57 -6.58
CA LEU B 331 1.23 -52.49 -5.72
C LEU B 331 1.37 -51.08 -5.15
N TYR B 332 2.17 -50.94 -4.09
CA TYR B 332 2.40 -49.66 -3.43
C TYR B 332 3.87 -49.43 -3.23
N PHE B 333 4.25 -48.16 -3.15
CA PHE B 333 5.61 -47.74 -2.85
C PHE B 333 5.58 -46.79 -1.67
N LEU B 334 6.55 -46.94 -0.76
CA LEU B 334 6.81 -46.01 0.34
C LEU B 334 8.10 -45.32 -0.10
N GLU B 335 8.09 -44.00 -0.08
CA GLU B 335 9.25 -43.22 -0.46
C GLU B 335 9.68 -42.39 0.75
N GLY B 336 10.96 -42.44 1.05
CA GLY B 336 11.51 -41.68 2.16
C GLY B 336 12.86 -41.09 1.87
N ALA B 337 13.25 -40.11 2.66
CA ALA B 337 14.58 -39.52 2.56
C ALA B 337 15.07 -39.02 3.89
N VAL B 338 16.37 -39.18 4.13
CA VAL B 338 17.06 -38.74 5.35
C VAL B 338 18.10 -37.74 4.86
N TYR B 339 18.00 -36.50 5.34
CA TYR B 339 18.96 -35.46 4.98
C TYR B 339 20.15 -35.55 5.89
N TYR B 340 21.30 -35.14 5.39
CA TYR B 340 22.51 -35.14 6.20
C TYR B 340 23.63 -34.31 5.58
N GLY B 341 24.72 -34.19 6.33
CA GLY B 341 25.88 -33.41 5.89
C GLY B 341 25.60 -31.92 5.88
N GLY B 342 26.50 -31.17 5.28
CA GLY B 342 26.39 -29.71 5.20
C GLY B 342 26.31 -29.11 6.59
N ALA B 343 25.31 -28.24 6.80
CA ALA B 343 25.07 -27.57 8.07
C ALA B 343 24.02 -28.31 8.95
N SER B 344 23.61 -29.53 8.53
CA SER B 344 22.66 -30.37 9.28
C SER B 344 23.33 -31.00 10.50
N ASP B 345 22.56 -31.40 11.53
CA ASP B 345 23.11 -32.08 12.70
C ASP B 345 23.26 -33.58 12.41
N THR B 346 22.62 -34.08 11.34
CA THR B 346 22.68 -35.50 10.95
C THR B 346 23.92 -35.77 10.12
N THR B 347 24.73 -36.73 10.54
CA THR B 347 25.96 -37.11 9.85
C THR B 347 25.72 -38.32 8.94
N ALA B 348 26.69 -38.61 8.04
CA ALA B 348 26.67 -39.81 7.19
C ALA B 348 26.58 -41.07 8.06
N ALA B 349 27.27 -41.10 9.23
CA ALA B 349 27.23 -42.25 10.14
C ALA B 349 25.82 -42.41 10.73
N ASP B 350 25.17 -41.29 11.12
CA ASP B 350 23.81 -41.29 11.65
C ASP B 350 22.85 -41.93 10.65
N VAL B 351 22.97 -41.55 9.37
CA VAL B 351 22.12 -42.07 8.29
C VAL B 351 22.20 -43.60 8.20
N ASP B 352 23.42 -44.18 8.20
CA ASP B 352 23.58 -45.65 8.14
C ASP B 352 22.88 -46.38 9.29
N LYS B 353 22.92 -45.78 10.48
CA LYS B 353 22.24 -46.32 11.67
C LYS B 353 20.71 -46.29 11.49
N ARG B 354 20.19 -45.18 10.93
CA ARG B 354 18.75 -45.00 10.66
C ARG B 354 18.27 -45.98 9.59
N VAL B 355 19.03 -46.12 8.49
CA VAL B 355 18.70 -47.06 7.41
C VAL B 355 18.65 -48.50 7.96
N ASP B 356 19.60 -48.88 8.85
CA ASP B 356 19.59 -50.22 9.42
C ASP B 356 18.28 -50.49 10.20
N VAL B 357 17.83 -49.49 11.01
CA VAL B 357 16.60 -49.59 11.78
C VAL B 357 15.39 -49.73 10.84
N MET B 358 15.32 -48.86 9.81
CA MET B 358 14.21 -48.86 8.87
C MET B 358 14.11 -50.10 8.03
N LEU B 359 15.25 -50.58 7.49
CA LEU B 359 15.21 -51.80 6.68
C LEU B 359 14.86 -53.05 7.51
N ARG B 360 15.07 -53.01 8.84
CA ARG B 360 14.72 -54.13 9.70
C ARG B 360 13.25 -54.06 10.12
N GLU B 361 12.80 -52.87 10.54
CA GLU B 361 11.47 -52.68 11.12
C GLU B 361 10.35 -52.49 10.11
N LEU B 362 10.62 -51.89 8.93
CA LEU B 362 9.57 -51.68 7.92
C LEU B 362 9.10 -52.99 7.30
N ARG B 363 7.81 -53.04 6.92
CA ARG B 363 7.12 -54.23 6.41
C ARG B 363 6.99 -54.28 4.87
N TYR B 364 7.96 -53.71 4.15
CA TYR B 364 8.03 -53.74 2.68
C TYR B 364 8.31 -55.18 2.21
N ALA B 365 8.09 -55.43 0.91
CA ALA B 365 8.33 -56.74 0.28
C ALA B 365 9.85 -57.00 0.17
N ARG B 366 10.37 -58.04 0.87
CA ARG B 366 11.81 -58.33 0.81
C ARG B 366 12.30 -58.60 -0.61
N GLY B 367 13.39 -57.96 -0.99
CA GLY B 367 13.97 -58.03 -2.33
C GLY B 367 13.53 -56.90 -3.21
N PHE B 368 12.66 -56.00 -2.67
CA PHE B 368 12.16 -54.84 -3.42
C PHE B 368 12.34 -53.52 -2.62
N ALA B 369 13.55 -53.37 -2.02
CA ALA B 369 14.00 -52.20 -1.28
C ALA B 369 15.12 -51.55 -2.10
N TYR B 370 14.93 -50.29 -2.54
CA TYR B 370 15.86 -49.56 -3.41
C TYR B 370 16.38 -48.32 -2.65
N VAL B 371 17.71 -48.18 -2.56
CA VAL B 371 18.35 -47.06 -1.85
C VAL B 371 19.29 -46.33 -2.80
N GLN B 372 19.23 -45.00 -2.82
CA GLN B 372 20.08 -44.12 -3.64
C GLN B 372 20.60 -43.00 -2.74
N ASP B 373 21.74 -42.40 -3.08
CA ASP B 373 22.32 -41.28 -2.35
C ASP B 373 22.52 -40.15 -3.34
N VAL B 374 21.88 -38.99 -3.08
CA VAL B 374 21.93 -37.83 -3.98
C VAL B 374 22.24 -36.58 -3.19
N SER B 375 22.50 -35.45 -3.87
CA SER B 375 22.67 -34.18 -3.15
C SER B 375 21.27 -33.70 -2.69
N TYR B 376 21.27 -32.79 -1.69
CA TYR B 376 20.04 -32.24 -1.13
C TYR B 376 19.24 -31.53 -2.24
N GLU B 377 19.95 -30.73 -3.07
CA GLU B 377 19.32 -30.03 -4.21
C GLU B 377 18.73 -31.03 -5.22
N GLN B 378 19.49 -32.09 -5.58
CA GLN B 378 19.04 -33.12 -6.53
C GLN B 378 17.76 -33.78 -6.04
N PHE B 379 17.69 -34.08 -4.73
CA PHE B 379 16.50 -34.69 -4.16
C PHE B 379 15.29 -33.74 -4.29
N LEU B 380 15.42 -32.50 -3.82
CA LEU B 380 14.29 -31.54 -3.89
C LEU B 380 13.83 -31.27 -5.31
N ASP B 381 14.78 -31.24 -6.25
CA ASP B 381 14.48 -30.95 -7.65
C ASP B 381 14.31 -32.22 -8.51
N ARG B 382 14.07 -33.40 -7.86
CA ARG B 382 13.93 -34.71 -8.51
C ARG B 382 12.88 -34.77 -9.65
N VAL B 383 11.76 -34.04 -9.51
CA VAL B 383 10.65 -34.06 -10.48
C VAL B 383 11.03 -33.35 -11.79
N SER B 384 12.05 -32.45 -11.77
CA SER B 384 12.50 -31.70 -12.95
C SER B 384 12.88 -32.57 -14.16
N ALA B 385 13.57 -33.72 -13.93
CA ALA B 385 13.94 -34.65 -15.01
C ALA B 385 12.69 -35.26 -15.66
N GLY B 386 11.65 -35.49 -14.86
CA GLY B 386 10.37 -36.01 -15.32
C GLY B 386 9.67 -35.06 -16.27
N GLU B 387 9.66 -33.74 -15.95
CA GLU B 387 9.09 -32.71 -16.82
C GLU B 387 9.86 -32.66 -18.15
N ARG B 388 11.22 -32.68 -18.09
CA ARG B 388 12.11 -32.64 -19.25
C ARG B 388 11.87 -33.85 -20.18
N ARG B 389 11.71 -35.05 -19.59
CA ARG B 389 11.45 -36.31 -20.29
C ARG B 389 10.07 -36.28 -20.94
N LEU B 390 9.03 -35.86 -20.18
CA LEU B 390 7.65 -35.76 -20.67
C LEU B 390 7.52 -34.77 -21.82
N ARG B 391 8.14 -33.57 -21.71
CA ARG B 391 8.13 -32.54 -22.75
C ARG B 391 8.76 -33.07 -24.06
N GLY B 392 9.83 -33.84 -23.92
CA GLY B 392 10.55 -34.45 -25.04
C GLY B 392 9.75 -35.47 -25.81
N GLU B 393 8.82 -36.15 -25.11
CA GLU B 393 7.92 -37.16 -25.66
C GLU B 393 6.55 -36.57 -26.08
N GLY B 394 6.42 -35.25 -25.94
CA GLY B 394 5.18 -34.51 -26.23
C GLY B 394 4.03 -34.86 -25.31
N LEU B 395 4.36 -35.35 -24.08
CA LEU B 395 3.40 -35.81 -23.08
C LEU B 395 3.23 -34.85 -21.86
N TRP B 396 3.67 -33.59 -21.99
CA TRP B 396 3.55 -32.58 -20.93
C TRP B 396 2.37 -31.69 -21.21
N ASP B 397 2.31 -31.12 -22.44
CA ASP B 397 1.24 -30.23 -22.85
C ASP B 397 0.03 -31.05 -23.32
N VAL B 398 -0.59 -31.74 -22.36
CA VAL B 398 -1.77 -32.59 -22.53
C VAL B 398 -2.79 -32.22 -21.42
N PRO B 399 -4.10 -32.58 -21.49
CA PRO B 399 -5.01 -32.23 -20.39
C PRO B 399 -4.63 -32.99 -19.11
N HIS B 400 -4.78 -32.32 -17.95
CA HIS B 400 -4.43 -32.91 -16.65
C HIS B 400 -5.66 -32.88 -15.72
N PRO B 401 -6.54 -33.89 -15.84
CA PRO B 401 -7.74 -33.92 -14.98
C PRO B 401 -7.37 -34.46 -13.60
N TRP B 402 -6.66 -33.64 -12.83
CA TRP B 402 -6.16 -34.00 -11.52
C TRP B 402 -7.20 -33.89 -10.43
N LEU B 403 -7.04 -34.71 -9.39
CA LEU B 403 -7.89 -34.70 -8.21
C LEU B 403 -7.00 -34.91 -6.98
N ASN B 404 -7.09 -33.98 -6.03
CA ASN B 404 -6.30 -34.05 -4.80
C ASN B 404 -7.26 -33.99 -3.63
N LEU B 405 -7.14 -34.95 -2.72
CA LEU B 405 -8.05 -35.06 -1.59
C LEU B 405 -7.32 -35.16 -0.27
N PHE B 406 -7.99 -34.76 0.81
CA PHE B 406 -7.58 -34.94 2.18
C PHE B 406 -8.66 -35.78 2.85
N LEU B 407 -8.26 -36.81 3.59
CA LEU B 407 -9.24 -37.64 4.27
C LEU B 407 -8.74 -38.11 5.64
N PRO B 408 -9.65 -38.45 6.59
CA PRO B 408 -9.17 -38.89 7.90
C PRO B 408 -8.50 -40.26 7.85
N ARG B 409 -7.54 -40.46 8.77
CA ARG B 409 -6.80 -41.71 8.95
C ARG B 409 -7.77 -42.89 9.20
N SER B 410 -8.86 -42.65 9.95
CA SER B 410 -9.86 -43.67 10.27
C SER B 410 -10.50 -44.33 9.02
N ARG B 411 -10.49 -43.65 7.87
CA ARG B 411 -11.11 -44.23 6.67
C ARG B 411 -10.15 -44.48 5.51
N ILE B 412 -8.83 -44.35 5.73
CA ILE B 412 -7.86 -44.52 4.62
C ILE B 412 -7.92 -45.92 4.00
N LEU B 413 -8.10 -46.97 4.81
CA LEU B 413 -8.15 -48.33 4.29
C LEU B 413 -9.44 -48.62 3.50
N ASP B 414 -10.59 -48.04 3.94
CA ASP B 414 -11.86 -48.14 3.23
C ASP B 414 -11.72 -47.45 1.87
N PHE B 415 -11.04 -46.26 1.85
CA PHE B 415 -10.77 -45.51 0.63
C PHE B 415 -9.89 -46.35 -0.30
N ALA B 416 -8.78 -46.93 0.23
CA ALA B 416 -7.87 -47.77 -0.53
C ALA B 416 -8.57 -48.95 -1.19
N ALA B 417 -9.47 -49.63 -0.44
CA ALA B 417 -10.23 -50.77 -0.94
C ALA B 417 -11.18 -50.39 -2.09
N GLY B 418 -11.89 -49.26 -1.92
CA GLY B 418 -12.87 -48.82 -2.91
C GLY B 418 -12.33 -48.07 -4.10
N VAL B 419 -11.19 -47.37 -3.94
CA VAL B 419 -10.63 -46.54 -5.01
C VAL B 419 -9.45 -47.22 -5.69
N PHE B 420 -8.35 -47.47 -4.95
CA PHE B 420 -7.15 -48.11 -5.49
C PHE B 420 -7.43 -49.52 -5.97
N HIS B 421 -8.31 -50.26 -5.27
CA HIS B 421 -8.67 -51.64 -5.64
C HIS B 421 -10.06 -51.73 -6.30
N GLY B 422 -10.61 -50.57 -6.69
CA GLY B 422 -11.93 -50.47 -7.30
C GLY B 422 -12.02 -49.48 -8.45
N VAL B 423 -12.37 -48.22 -8.13
CA VAL B 423 -12.53 -47.12 -9.09
C VAL B 423 -11.36 -46.98 -10.09
N LEU B 424 -10.12 -47.01 -9.57
CA LEU B 424 -8.88 -46.82 -10.35
C LEU B 424 -8.23 -48.10 -10.85
N LEU B 425 -8.88 -49.26 -10.61
CA LEU B 425 -8.39 -50.57 -11.05
C LEU B 425 -8.37 -50.61 -12.60
N PRO B 426 -7.24 -51.02 -13.23
CA PRO B 426 -7.21 -51.05 -14.70
C PRO B 426 -7.98 -52.23 -15.30
N GLY B 435 -1.77 -42.32 -18.40
CA GLY B 435 -2.00 -42.36 -16.96
C GLY B 435 -1.21 -41.31 -16.21
N GLY B 436 -0.66 -41.70 -15.06
CA GLY B 436 0.15 -40.81 -14.23
C GLY B 436 0.25 -41.29 -12.80
N PRO B 437 1.04 -40.60 -11.95
CA PRO B 437 1.17 -41.07 -10.56
C PRO B 437 -0.06 -40.91 -9.69
N VAL B 438 -0.19 -41.80 -8.69
CA VAL B 438 -1.26 -41.76 -7.70
C VAL B 438 -0.55 -41.74 -6.35
N LEU B 439 -0.50 -40.58 -5.71
CA LEU B 439 0.19 -40.40 -4.43
C LEU B 439 -0.73 -40.62 -3.24
N VAL B 440 -0.17 -41.15 -2.17
CA VAL B 440 -0.90 -41.39 -0.92
C VAL B 440 0.07 -41.29 0.26
N TYR B 441 -0.18 -40.36 1.18
CA TYR B 441 0.67 -40.23 2.36
C TYR B 441 0.00 -39.42 3.49
N PRO B 442 0.42 -39.67 4.74
CA PRO B 442 -0.20 -38.95 5.86
C PRO B 442 0.56 -37.70 6.27
N MET B 443 -0.14 -36.82 6.96
CA MET B 443 0.38 -35.58 7.53
C MET B 443 -0.18 -35.38 8.94
N ASN B 444 0.41 -34.47 9.71
CA ASN B 444 0.04 -34.18 11.10
C ASN B 444 -0.71 -32.86 11.20
N ARG B 445 -1.95 -32.90 11.70
CA ARG B 445 -2.84 -31.75 11.88
C ARG B 445 -2.23 -30.64 12.71
N GLY B 446 -1.50 -31.02 13.76
CA GLY B 446 -0.87 -30.09 14.69
C GLY B 446 0.07 -29.08 14.06
N LYS B 447 0.54 -29.38 12.83
CA LYS B 447 1.45 -28.52 12.07
C LYS B 447 0.72 -27.48 11.21
N TRP B 448 -0.62 -27.52 11.23
CA TRP B 448 -1.49 -26.62 10.48
C TRP B 448 -2.17 -25.65 11.44
N ASP B 449 -2.17 -24.36 11.09
CA ASP B 449 -2.84 -23.35 11.91
C ASP B 449 -4.32 -23.28 11.50
N GLY B 450 -5.21 -23.59 12.45
CA GLY B 450 -6.66 -23.55 12.24
C GLY B 450 -7.23 -22.17 11.93
N ALA B 451 -6.48 -21.09 12.18
CA ALA B 451 -6.95 -19.72 11.91
C ALA B 451 -6.91 -19.34 10.41
N THR B 452 -6.14 -20.08 9.59
CA THR B 452 -6.04 -19.77 8.16
C THR B 452 -7.29 -20.19 7.39
N SER B 453 -7.31 -19.88 6.07
CA SER B 453 -8.40 -20.27 5.20
C SER B 453 -8.34 -21.76 4.79
N ALA B 454 -7.18 -22.42 4.98
CA ALA B 454 -7.01 -23.83 4.58
C ALA B 454 -8.01 -24.75 5.27
N VAL B 455 -8.55 -25.70 4.50
CA VAL B 455 -9.57 -26.63 4.96
C VAL B 455 -9.03 -28.03 5.04
N LEU B 456 -9.10 -28.62 6.25
CA LEU B 456 -8.74 -30.00 6.49
C LEU B 456 -10.02 -30.79 6.83
N PRO B 457 -10.05 -32.13 6.66
CA PRO B 457 -11.28 -32.87 7.04
C PRO B 457 -11.37 -32.95 8.57
N TYR B 458 -12.55 -33.15 9.14
CA TYR B 458 -12.63 -33.25 10.61
C TYR B 458 -12.15 -34.62 11.09
N ASP B 459 -11.71 -34.67 12.37
CA ASP B 459 -11.24 -35.87 13.09
C ASP B 459 -12.40 -36.88 13.22
N GLU B 467 -5.18 -36.77 15.02
CA GLU B 467 -3.91 -36.08 14.78
C GLU B 467 -3.39 -36.29 13.33
N VAL B 468 -3.54 -37.50 12.78
CA VAL B 468 -3.08 -37.88 11.44
C VAL B 468 -4.23 -37.85 10.42
N PHE B 469 -3.96 -37.29 9.24
CA PHE B 469 -4.89 -37.30 8.10
C PHE B 469 -4.08 -37.63 6.87
N TYR B 470 -4.74 -38.00 5.78
CA TYR B 470 -4.04 -38.35 4.56
C TYR B 470 -4.33 -37.45 3.41
N THR B 471 -3.38 -37.38 2.47
CA THR B 471 -3.61 -36.77 1.18
C THR B 471 -3.54 -37.91 0.14
N VAL B 472 -4.36 -37.78 -0.89
CA VAL B 472 -4.37 -38.68 -2.05
C VAL B 472 -4.34 -37.77 -3.25
N GLY B 473 -3.34 -37.98 -4.11
CA GLY B 473 -3.16 -37.18 -5.32
C GLY B 473 -3.29 -38.04 -6.56
N ILE B 474 -4.39 -37.89 -7.31
CA ILE B 474 -4.63 -38.65 -8.55
C ILE B 474 -4.18 -37.73 -9.66
N LEU B 475 -2.93 -37.92 -10.10
CA LEU B 475 -2.25 -37.01 -11.04
C LEU B 475 -2.11 -37.59 -12.44
N ARG B 476 -3.24 -37.91 -13.07
CA ARG B 476 -3.21 -38.52 -14.39
C ARG B 476 -3.21 -37.51 -15.54
N SER B 477 -2.63 -37.91 -16.66
CA SER B 477 -2.50 -37.14 -17.89
C SER B 477 -3.37 -37.76 -18.96
N ALA B 478 -4.26 -36.96 -19.57
CA ALA B 478 -5.14 -37.41 -20.65
C ALA B 478 -4.32 -37.48 -21.94
N VAL B 479 -3.43 -38.47 -22.01
CA VAL B 479 -2.49 -38.72 -23.09
C VAL B 479 -3.19 -39.42 -24.28
N ALA B 480 -3.82 -40.58 -24.01
CA ALA B 480 -4.50 -41.39 -25.00
C ALA B 480 -5.89 -40.85 -25.41
N ASP B 481 -6.69 -41.73 -26.05
CA ASP B 481 -8.02 -41.50 -26.60
C ASP B 481 -9.14 -41.55 -25.55
N GLY B 482 -10.03 -40.55 -25.59
CA GLY B 482 -11.17 -40.41 -24.70
C GLY B 482 -10.82 -40.39 -23.22
N ASP B 483 -9.51 -40.36 -22.91
CA ASP B 483 -8.91 -40.35 -21.58
C ASP B 483 -9.47 -39.26 -20.68
N LEU B 484 -9.64 -38.02 -21.20
CA LEU B 484 -10.19 -36.90 -20.44
C LEU B 484 -11.61 -37.18 -19.93
N ARG B 485 -12.46 -37.82 -20.76
CA ARG B 485 -13.83 -38.18 -20.39
C ARG B 485 -13.80 -39.26 -19.29
N ARG B 486 -13.05 -40.36 -19.55
CA ARG B 486 -12.85 -41.51 -18.68
C ARG B 486 -12.28 -41.14 -17.29
N MET B 487 -11.25 -40.26 -17.26
CA MET B 487 -10.57 -39.82 -16.04
C MET B 487 -11.42 -38.88 -15.19
N GLU B 488 -12.12 -37.91 -15.82
CA GLU B 488 -12.99 -36.94 -15.13
C GLU B 488 -14.18 -37.63 -14.47
N GLU B 489 -14.66 -38.70 -15.11
CA GLU B 489 -15.80 -39.49 -14.64
C GLU B 489 -15.39 -40.38 -13.45
N GLN B 490 -14.15 -40.92 -13.49
CA GLN B 490 -13.55 -41.72 -12.42
C GLN B 490 -13.33 -40.85 -11.18
N ASN B 491 -12.98 -39.56 -11.36
CA ASN B 491 -12.75 -38.60 -10.28
C ASN B 491 -14.05 -38.34 -9.51
N ALA B 492 -15.17 -38.16 -10.24
CA ALA B 492 -16.50 -37.96 -9.65
C ALA B 492 -16.89 -39.24 -8.89
N GLU B 493 -16.58 -40.41 -9.48
CA GLU B 493 -16.81 -41.74 -8.90
C GLU B 493 -16.08 -41.92 -7.55
N VAL B 494 -14.90 -41.30 -7.38
CA VAL B 494 -14.10 -41.34 -6.14
C VAL B 494 -14.85 -40.56 -5.03
N ALA B 495 -15.39 -39.37 -5.37
CA ALA B 495 -16.18 -38.54 -4.46
C ALA B 495 -17.52 -39.25 -4.17
N ARG B 496 -18.09 -39.89 -5.20
CA ARG B 496 -19.34 -40.65 -5.16
C ARG B 496 -19.19 -41.86 -4.24
N PHE B 497 -18.00 -42.50 -4.24
CA PHE B 497 -17.71 -43.64 -3.38
C PHE B 497 -17.59 -43.17 -1.92
N CYS B 498 -16.90 -42.01 -1.71
CA CYS B 498 -16.69 -41.43 -0.39
C CYS B 498 -18.00 -41.04 0.30
N GLU B 499 -18.92 -40.36 -0.42
CA GLU B 499 -20.21 -39.97 0.14
C GLU B 499 -21.12 -41.18 0.41
N ALA B 500 -21.05 -42.23 -0.45
CA ALA B 500 -21.84 -43.46 -0.29
C ALA B 500 -21.37 -44.28 0.92
N ALA B 501 -20.06 -44.18 1.25
CA ALA B 501 -19.43 -44.88 2.38
C ALA B 501 -19.29 -43.98 3.63
N GLY B 502 -19.75 -42.74 3.55
CA GLY B 502 -19.68 -41.79 4.65
C GLY B 502 -18.26 -41.37 5.01
N ILE B 503 -17.34 -41.41 4.03
CA ILE B 503 -15.94 -41.02 4.19
C ILE B 503 -15.87 -39.50 4.03
N PRO B 504 -15.57 -38.74 5.12
CA PRO B 504 -15.41 -37.29 4.97
C PRO B 504 -14.24 -37.04 4.01
N CYS B 505 -14.48 -36.24 2.99
CA CYS B 505 -13.52 -35.99 1.93
C CYS B 505 -13.43 -34.50 1.65
N THR B 506 -12.22 -33.93 1.74
CA THR B 506 -11.98 -32.51 1.49
C THR B 506 -11.07 -32.38 0.28
N GLN B 507 -11.45 -31.55 -0.68
CA GLN B 507 -10.57 -31.36 -1.85
C GLN B 507 -9.45 -30.39 -1.50
N TYR B 508 -8.24 -30.72 -1.94
CA TYR B 508 -7.09 -29.82 -1.92
C TYR B 508 -7.14 -29.23 -3.34
N LEU B 509 -6.86 -27.91 -3.53
CA LEU B 509 -7.04 -27.21 -4.83
C LEU B 509 -8.54 -27.40 -5.21
N PRO B 510 -9.46 -27.02 -4.29
CA PRO B 510 -10.89 -27.31 -4.52
C PRO B 510 -11.51 -26.63 -5.71
N SER B 511 -12.55 -27.25 -6.27
CA SER B 511 -13.27 -26.67 -7.40
C SER B 511 -14.75 -27.02 -7.30
N TYR B 512 -15.60 -26.00 -7.04
CA TYR B 512 -17.07 -26.13 -6.93
C TYR B 512 -17.70 -25.01 -7.72
N ALA B 513 -18.87 -25.26 -8.33
CA ALA B 513 -19.55 -24.30 -9.18
C ALA B 513 -20.42 -23.28 -8.43
N THR B 514 -20.97 -23.65 -7.25
CA THR B 514 -21.85 -22.76 -6.47
C THR B 514 -21.34 -22.46 -5.06
N GLN B 515 -21.77 -21.32 -4.51
CA GLN B 515 -21.50 -20.95 -3.12
C GLN B 515 -22.16 -21.94 -2.16
N ALA B 516 -23.39 -22.40 -2.48
CA ALA B 516 -24.06 -23.38 -1.63
C ALA B 516 -23.13 -24.59 -1.44
N ASP B 517 -22.45 -25.04 -2.54
CA ASP B 517 -21.50 -26.16 -2.52
C ASP B 517 -20.27 -25.84 -1.71
N TRP B 518 -19.69 -24.64 -1.90
CA TRP B 518 -18.53 -24.18 -1.15
C TRP B 518 -18.84 -24.14 0.35
N ALA B 519 -20.02 -23.57 0.72
CA ALA B 519 -20.48 -23.45 2.10
C ALA B 519 -20.79 -24.77 2.79
N ALA B 520 -21.65 -25.60 2.20
CA ALA B 520 -22.10 -26.86 2.82
C ALA B 520 -21.18 -28.05 2.64
N ARG B 521 -20.50 -28.15 1.48
CA ARG B 521 -19.64 -29.30 1.16
C ARG B 521 -18.17 -29.09 1.47
N HIS B 522 -17.65 -27.86 1.29
CA HIS B 522 -16.21 -27.59 1.51
C HIS B 522 -15.89 -26.94 2.87
N PHE B 523 -16.36 -25.70 3.11
CA PHE B 523 -16.08 -25.00 4.36
C PHE B 523 -16.88 -25.55 5.58
N GLY B 524 -18.14 -25.89 5.35
CA GLY B 524 -19.08 -26.37 6.38
C GLY B 524 -18.66 -27.56 7.21
N PRO B 525 -18.31 -28.72 6.61
CA PRO B 525 -17.91 -29.88 7.42
C PRO B 525 -16.56 -29.73 8.14
N ALA B 526 -15.87 -28.59 7.98
CA ALA B 526 -14.57 -28.33 8.61
C ALA B 526 -14.67 -27.45 9.86
N GLY B 527 -15.86 -26.94 10.15
CA GLY B 527 -16.15 -26.11 11.32
C GLY B 527 -17.37 -25.23 11.13
N SER B 528 -18.20 -25.14 12.17
CA SER B 528 -19.44 -24.35 12.20
C SER B 528 -19.28 -22.86 11.84
N GLY B 529 -18.08 -22.33 12.05
CA GLY B 529 -17.78 -20.93 11.75
C GLY B 529 -16.86 -20.67 10.57
N ARG B 530 -16.38 -21.74 9.88
CA ARG B 530 -15.45 -21.63 8.74
C ARG B 530 -15.98 -20.79 7.58
N TRP B 531 -17.22 -21.04 7.13
CA TRP B 531 -17.80 -20.27 6.03
C TRP B 531 -18.09 -18.85 6.47
N ASP B 532 -18.68 -18.67 7.69
CA ASP B 532 -18.95 -17.34 8.25
C ASP B 532 -17.64 -16.53 8.31
N THR B 533 -16.51 -17.16 8.75
CA THR B 533 -15.19 -16.51 8.81
C THR B 533 -14.73 -16.12 7.39
N PHE B 534 -14.84 -17.06 6.42
CA PHE B 534 -14.44 -16.80 5.03
C PHE B 534 -15.22 -15.60 4.46
N LEU B 535 -16.54 -15.60 4.68
CA LEU B 535 -17.46 -14.55 4.23
C LEU B 535 -17.14 -13.19 4.85
N ARG B 536 -16.88 -13.15 6.18
CA ARG B 536 -16.52 -11.93 6.93
C ARG B 536 -15.22 -11.34 6.34
N ARG B 537 -14.24 -12.23 6.11
CA ARG B 537 -12.96 -11.87 5.52
C ARG B 537 -13.14 -11.32 4.11
N LYS B 538 -13.99 -11.97 3.28
CA LYS B 538 -14.28 -11.50 1.92
C LYS B 538 -14.87 -10.08 1.92
N ARG B 539 -15.84 -9.79 2.82
CA ARG B 539 -16.45 -8.46 2.91
C ARG B 539 -15.40 -7.37 3.23
N LYS B 540 -14.43 -7.71 4.06
CA LYS B 540 -13.40 -6.78 4.51
C LYS B 540 -12.36 -6.49 3.43
N TYR B 541 -11.86 -7.54 2.75
CA TYR B 541 -10.73 -7.41 1.82
C TYR B 541 -11.05 -7.36 0.33
N ASP B 542 -12.19 -7.91 -0.08
CA ASP B 542 -12.61 -7.88 -1.49
C ASP B 542 -14.15 -7.80 -1.57
N PRO B 543 -14.74 -6.69 -1.07
CA PRO B 543 -16.21 -6.57 -1.10
C PRO B 543 -16.84 -6.56 -2.48
N MET B 544 -16.10 -6.11 -3.52
CA MET B 544 -16.60 -6.11 -4.91
C MET B 544 -16.42 -7.49 -5.56
N ALA B 545 -15.76 -8.43 -4.84
CA ALA B 545 -15.53 -9.80 -5.29
C ALA B 545 -14.83 -9.89 -6.66
N ILE B 546 -13.90 -8.96 -6.95
CA ILE B 546 -13.19 -8.94 -8.22
C ILE B 546 -12.06 -9.98 -8.31
N LEU B 547 -11.55 -10.43 -7.15
CA LEU B 547 -10.37 -11.33 -7.13
C LEU B 547 -10.62 -12.78 -7.41
N SER B 548 -9.79 -13.34 -8.31
CA SER B 548 -9.78 -14.77 -8.64
C SER B 548 -11.20 -15.35 -8.76
N ARG B 549 -12.02 -14.73 -9.64
CA ARG B 549 -13.40 -15.17 -9.90
C ARG B 549 -13.43 -16.57 -10.52
N GLY B 550 -12.29 -17.02 -11.09
CA GLY B 550 -12.12 -18.35 -11.65
C GLY B 550 -12.23 -19.44 -10.59
N GLN B 551 -12.10 -19.05 -9.29
CA GLN B 551 -12.30 -19.97 -8.17
C GLN B 551 -13.83 -20.22 -8.00
N ARG B 552 -14.69 -19.30 -8.54
CA ARG B 552 -16.17 -19.36 -8.59
C ARG B 552 -16.84 -19.38 -7.19
N ILE B 553 -16.19 -18.77 -6.18
CA ILE B 553 -16.76 -18.71 -4.83
C ILE B 553 -17.70 -17.50 -4.80
N PHE B 554 -17.28 -16.40 -5.48
CA PHE B 554 -18.02 -15.15 -5.61
C PHE B 554 -17.93 -14.69 -7.06
N SER B 555 -19.07 -14.25 -7.62
CA SER B 555 -19.17 -13.84 -9.01
C SER B 555 -19.66 -12.40 -9.11
N SER B 556 -20.10 -11.84 -7.97
CA SER B 556 -20.73 -10.54 -7.90
C SER B 556 -20.39 -9.83 -6.57
N PRO B 557 -20.44 -8.48 -6.48
CA PRO B 557 -20.16 -7.81 -5.19
C PRO B 557 -21.04 -8.31 -4.04
N LEU B 558 -20.47 -8.36 -2.84
CA LEU B 558 -21.19 -8.85 -1.66
C LEU B 558 -22.23 -7.83 -1.19
N LEU B 559 -23.42 -8.32 -0.82
CA LEU B 559 -24.51 -7.44 -0.36
C LEU B 559 -24.27 -6.95 1.09
N ALA B 560 -24.89 -5.81 1.46
CA ALA B 560 -24.78 -5.20 2.79
C ALA B 560 -25.51 -6.05 3.86
PA FAD C . 7.59 20.85 2.90
O1A FAD C . 8.01 22.13 3.52
O2A FAD C . 8.68 20.09 2.16
O5B FAD C . 6.96 19.84 3.95
C5B FAD C . 5.94 20.33 4.86
C4B FAD C . 5.54 19.25 5.85
O4B FAD C . 4.77 18.24 5.18
C3B FAD C . 6.69 18.51 6.52
O3B FAD C . 6.33 18.07 7.84
C2B FAD C . 6.93 17.34 5.57
O2B FAD C . 7.56 16.23 6.20
C1B FAD C . 5.49 17.02 5.16
N9A FAD C . 5.33 16.43 3.84
C8A FAD C . 5.91 16.83 2.66
N7A FAD C . 5.43 16.22 1.60
C5A FAD C . 4.49 15.34 2.11
C6A FAD C . 3.62 14.41 1.50
N6A FAD C . 3.63 14.15 0.19
N1A FAD C . 2.78 13.73 2.30
C2A FAD C . 2.81 13.94 3.62
N3A FAD C . 3.60 14.78 4.31
C4A FAD C . 4.42 15.46 3.49
N1 FAD C . 0.90 28.24 2.55
C2 FAD C . -0.42 28.54 2.28
O2 FAD C . -1.35 27.84 2.70
N3 FAD C . -0.72 29.63 1.48
C4 FAD C . 0.21 30.47 0.87
O4 FAD C . -0.19 31.42 0.18
C4X FAD C . 1.59 30.15 1.15
N5 FAD C . 2.54 30.86 0.56
C5X FAD C . 3.87 30.45 0.73
C6 FAD C . 4.88 31.10 -0.01
C7 FAD C . 6.21 30.70 0.08
C7M FAD C . 7.26 31.44 -0.71
C8 FAD C . 6.55 29.60 0.91
C8M FAD C . 7.97 29.12 1.04
C9 FAD C . 5.54 28.96 1.64
C9A FAD C . 4.21 29.37 1.55
N10 FAD C . 3.17 28.70 2.26
C10 FAD C . 1.86 29.01 2.02
C1' FAD C . 3.52 27.69 3.27
C2' FAD C . 3.51 26.28 2.68
O2' FAD C . 2.16 25.83 2.53
C3' FAD C . 4.23 25.30 3.61
O3' FAD C . 5.62 25.64 3.65
C4' FAD C . 4.04 23.81 3.31
O4' FAD C . 4.91 23.04 4.13
C5' FAD C . 4.16 23.42 1.85
O5' FAD C . 5.53 23.48 1.44
P FAD C . 6.21 22.15 0.72
O1P FAD C . 5.46 21.49 -0.37
O2P FAD C . 7.55 22.64 0.33
O3P FAD C . 6.39 21.09 1.89
C1 EDO D . -14.05 43.70 12.35
O1 EDO D . -14.89 42.58 12.54
C2 EDO D . -14.81 44.79 11.58
O2 EDO D . -13.99 45.92 11.47
C1 EDO E . 25.29 17.16 -5.98
O1 EDO E . 24.71 17.06 -7.28
C2 EDO E . 25.22 18.64 -5.53
O2 EDO E . 26.49 19.04 -5.01
C1 GOL F . 10.34 -2.38 -7.80
O1 GOL F . 10.15 -2.99 -6.52
C2 GOL F . 9.86 -0.95 -7.78
O2 GOL F . 10.78 -0.15 -7.04
C3 GOL F . 9.73 -0.42 -9.19
O3 GOL F . 9.37 0.96 -9.20
C1 GOL G . 9.80 26.77 21.85
O1 GOL G . 8.53 26.15 21.89
C2 GOL G . 10.51 26.44 20.56
O2 GOL G . 9.70 26.83 19.44
C3 GOL G . 11.84 27.14 20.48
O3 GOL G . 12.51 26.80 19.28
PA FAD H . -1.68 -20.38 -10.31
O1A FAD H . -2.18 -21.67 -10.85
O2A FAD H . -1.25 -19.43 -11.41
O5B FAD H . -2.74 -19.65 -9.35
C5B FAD H . -3.50 -20.39 -8.37
C4B FAD H . -4.45 -19.46 -7.65
O4B FAD H . -3.70 -18.46 -6.91
C3B FAD H . -5.40 -18.66 -8.56
O3B FAD H . -6.67 -18.48 -7.94
C2B FAD H . -4.62 -17.36 -8.77
O2B FAD H . -5.45 -16.28 -9.20
C1B FAD H . -3.98 -17.16 -7.40
N9A FAD H . -2.74 -16.40 -7.40
C8A FAD H . -1.65 -16.54 -8.22
N7A FAD H . -0.61 -15.82 -7.87
C5A FAD H . -1.05 -15.15 -6.74
C6A FAD H . -0.40 -14.28 -5.83
N6A FAD H . 0.85 -13.81 -6.01
N1A FAD H . -1.09 -13.87 -4.75
C2A FAD H . -2.36 -14.27 -4.60
N3A FAD H . -3.08 -15.08 -5.39
C4A FAD H . -2.37 -15.49 -6.44
N1 FAD H . 0.83 -28.43 -5.11
C2 FAD H . 1.38 -28.86 -3.92
O2 FAD H . 0.95 -28.46 -2.82
N3 FAD H . 2.38 -29.83 -3.94
C4 FAD H . 2.90 -30.43 -5.07
O4 FAD H . 3.77 -31.29 -4.98
C4X FAD H . 2.32 -30.00 -6.33
N5 FAD H . 2.82 -30.47 -7.45
C5X FAD H . 2.38 -29.91 -8.64
C6 FAD H . 2.99 -30.30 -9.82
C7 FAD H . 2.65 -29.74 -11.05
C7M FAD H . 3.28 -30.28 -12.31
C8 FAD H . 1.65 -28.73 -11.09
C8M FAD H . 1.19 -28.15 -12.40
C9 FAD H . 1.04 -28.34 -9.90
C9A FAD H . 1.38 -28.91 -8.68
N10 FAD H . 0.79 -28.51 -7.44
C10 FAD H . 1.27 -28.98 -6.26
C1' FAD H . -0.39 -27.63 -7.45
C2' FAD H . 0.00 -26.17 -7.30
O2' FAD H . 0.36 -25.90 -5.95
C3' FAD H . -1.17 -25.28 -7.74
O3' FAD H . -1.34 -25.46 -9.15
C4' FAD H . -1.12 -23.79 -7.39
O4' FAD H . -2.13 -23.09 -8.13
C5' FAD H . 0.24 -23.14 -7.59
O5' FAD H . 0.53 -23.04 -9.00
P FAD H . 0.87 -21.51 -9.54
O1P FAD H . 2.02 -20.88 -8.85
O2P FAD H . 1.14 -21.64 -11.03
O3P FAD H . -0.44 -20.63 -9.34
C1 EDO I . -4.19 -46.88 8.88
O1 EDO I . -4.36 -45.92 9.92
C2 EDO I . -3.16 -47.94 9.31
O2 EDO I . -3.08 -48.94 8.32
#